data_3WTP
#
_entry.id   3WTP
#
_cell.length_a   98.117
_cell.length_b   107.667
_cell.length_c   168.143
_cell.angle_alpha   90.000
_cell.angle_beta   90.000
_cell.angle_gamma   90.000
#
_symmetry.space_group_name_H-M   'P 21 21 21'
#
loop_
_entity.id
_entity.type
_entity.pdbx_description
1 polymer 'Histone H3-like centromeric protein A'
2 polymer 'Histone H4'
3 polymer 'Histone H2A type 1-B/E'
4 polymer 'Histone H2B type 1-J'
5 polymer 'Histone H3.3'
6 polymer 'DNA (146-MER)'
#
loop_
_entity_poly.entity_id
_entity_poly.type
_entity_poly.pdbx_seq_one_letter_code
_entity_poly.pdbx_strand_id
1 'polypeptide(L)'
;GSHMGPRRRSRKPEAPRRRSPSPTPTPGPSRRGPSLGASSHQHSRRRQGWLKEIRKLQKSTHLLIRKLPFSRLAREICVK
FTRGVDFNWQAQALLALQEAAEAFLVHLFEDAYLLTLHAGRVTLFPKDVQLARRIRGLEEGLG
;
A
2 'polypeptide(L)'
;GSHMSGRGKGGKGLGKGGAKRHRKVLRDNIQGITKPAIRRLARRGGVKRISGLIYEETRGVLKVFLENVIRDAVTYTEHA
KRKTVTAMDVVYALKRQGRTLYGFGG
;
B,F
3 'polypeptide(L)'
;GSHMSGRGKQGGKARAKAKTRSSRAGLQFPVGRVHRLLRKGNYSERVGAGAPVYLAAVLEYLTAEILELAGNAARDNKKT
RIIPRHLQLAIRNDEELNKLLGRVTIAQGGVLPNIQAVLLPKKTESHHKAKGK
;
C,G
4 'polypeptide(L)'
;GSHMPEPAKSAPAPKKGSKKAVTKAQKKDGKKRKRSRKESYSIYVYKVLKQVHPDTGISSKAMGIMNSFVNDIFERIAGE
ASRLAHYNKRSTITSREIQTAVRLLLPGELAKHAVSEGTKAVTKYTSAK
;
D,H
5 'polypeptide(L)'
;GPGHMARTKQTARKSTGGKAPRKQLATKAARKSAPSTGGVKKPHRYRPGTVALREIRRYQKSTELLIRKLPFQRLVREIA
QDFKTDLRFQSAAIGALQEASEAYLVGLFEDTNLCAIHAKRVTIMPKDIQLARRIRGERA
;
E
6 'polydeoxyribonucleotide'
;(DA)(DT)(DC)(DA)(DA)(DT)(DA)(DT)(DC)(DC)(DA)(DC)(DC)(DT)(DG)(DC)(DA)(DG)(DA)(DT)
(DT)(DC)(DT)(DA)(DC)(DC)(DA)(DA)(DA)(DA)(DG)(DT)(DG)(DT)(DA)(DT)(DT)(DT)(DG)(DG)
(DA)(DA)(DA)(DC)(DT)(DG)(DC)(DT)(DC)(DC)(DA)(DT)(DC)(DA)(DA)(DA)(DA)(DG)(DG)(DC)
(DA)(DT)(DG)(DT)(DT)(DC)(DA)(DG)(DC)(DT)(DG)(DA)(DA)(DT)(DT)(DC)(DA)(DG)(DC)(DT)
(DG)(DA)(DA)(DC)(DA)(DT)(DG)(DC)(DC)(DT)(DT)(DT)(DT)(DG)(DA)(DT)(DG)(DG)(DA)(DG)
(DC)(DA)(DG)(DT)(DT)(DT)(DC)(DC)(DA)(DA)(DA)(DT)(DA)(DC)(DA)(DC)(DT)(DT)(DT)(DT)
(DG)(DG)(DT)(DA)(DG)(DA)(DA)(DT)(DC)(DT)(DG)(DC)(DA)(DG)(DG)(DT)(DG)(DG)(DA)(DT)
(DA)(DT)(DT)(DG)(DA)(DT)
;
I,J
#
# COMPACT_ATOMS: atom_id res chain seq x y z
N GLY A 49 -16.53 14.50 33.38
CA GLY A 49 -16.68 13.07 33.58
C GLY A 49 -16.14 12.28 32.41
N TRP A 50 -16.77 12.47 31.24
CA TRP A 50 -16.27 11.91 30.00
C TRP A 50 -14.98 12.60 29.56
N LEU A 51 -14.87 13.90 29.81
CA LEU A 51 -13.66 14.64 29.44
C LEU A 51 -12.46 14.11 30.19
N LYS A 52 -12.58 14.01 31.52
CA LYS A 52 -11.51 13.43 32.32
C LYS A 52 -11.11 12.06 31.79
N GLU A 53 -12.10 11.23 31.44
CA GLU A 53 -11.80 9.89 30.93
C GLU A 53 -10.99 9.98 29.63
N ILE A 54 -11.38 10.87 28.72
CA ILE A 54 -10.65 11.01 27.46
C ILE A 54 -9.23 11.49 27.69
N ARG A 55 -9.07 12.60 28.43
CA ARG A 55 -7.74 13.13 28.72
C ARG A 55 -6.84 12.08 29.36
N LYS A 56 -7.39 11.34 30.33
CA LYS A 56 -6.62 10.36 31.09
C LYS A 56 -6.15 9.23 30.19
N LEU A 57 -7.07 8.63 29.42
CA LEU A 57 -6.68 7.50 28.59
C LEU A 57 -5.82 7.93 27.39
N GLN A 58 -5.96 9.16 26.92
CA GLN A 58 -5.10 9.66 25.86
C GLN A 58 -3.71 10.02 26.38
N LYS A 59 -3.58 10.28 27.67
CA LYS A 59 -2.27 10.56 28.24
C LYS A 59 -1.48 9.28 28.50
N SER A 60 -2.16 8.14 28.59
CA SER A 60 -1.52 6.88 28.93
C SER A 60 -1.11 6.11 27.67
N THR A 61 -0.38 5.01 27.88
CA THR A 61 0.03 4.14 26.78
C THR A 61 -0.15 2.66 27.10
N HIS A 62 -0.76 2.31 28.23
CA HIS A 62 -0.86 0.90 28.57
C HIS A 62 -1.94 0.24 27.73
N LEU A 63 -1.83 -1.08 27.58
CA LEU A 63 -2.85 -1.82 26.86
C LEU A 63 -4.19 -1.73 27.58
N LEU A 64 -5.27 -1.55 26.82
CA LEU A 64 -6.57 -1.27 27.42
C LEU A 64 -7.49 -2.49 27.47
N ILE A 65 -7.21 -3.54 26.71
CA ILE A 65 -7.93 -4.80 26.85
C ILE A 65 -7.14 -5.69 27.80
N ARG A 66 -7.86 -6.37 28.70
CA ARG A 66 -7.21 -7.26 29.66
C ARG A 66 -6.60 -8.47 28.94
N LYS A 67 -5.46 -8.93 29.46
CA LYS A 67 -4.59 -9.84 28.72
C LYS A 67 -5.24 -11.21 28.52
N LEU A 68 -5.78 -11.80 29.58
CA LEU A 68 -6.33 -13.14 29.48
C LEU A 68 -7.51 -13.26 28.51
N PRO A 69 -8.51 -12.36 28.55
CA PRO A 69 -9.57 -12.46 27.53
C PRO A 69 -9.00 -12.38 26.13
N PHE A 70 -8.11 -11.41 25.90
CA PHE A 70 -7.54 -11.23 24.57
C PHE A 70 -6.82 -12.50 24.11
N SER A 71 -5.92 -13.03 24.94
CA SER A 71 -5.15 -14.20 24.54
C SER A 71 -6.07 -15.41 24.32
N ARG A 72 -7.10 -15.55 25.14
CA ARG A 72 -8.05 -16.63 24.94
C ARG A 72 -8.69 -16.52 23.55
N LEU A 73 -9.13 -15.30 23.19
CA LEU A 73 -9.74 -15.07 21.89
C LEU A 73 -8.74 -15.32 20.76
N ALA A 74 -7.50 -14.84 20.92
CA ALA A 74 -6.49 -15.01 19.87
C ALA A 74 -6.22 -16.48 19.61
N ARG A 75 -6.06 -17.27 20.67
CA ARG A 75 -5.79 -18.69 20.50
C ARG A 75 -7.00 -19.42 19.92
N GLU A 76 -8.21 -19.03 20.32
CA GLU A 76 -9.42 -19.63 19.76
C GLU A 76 -9.50 -19.38 18.27
N ILE A 77 -9.30 -18.12 17.86
CA ILE A 77 -9.32 -17.78 16.43
C ILE A 77 -8.27 -18.58 15.67
N CYS A 78 -7.05 -18.62 16.24
CA CYS A 78 -5.99 -19.40 15.62
C CYS A 78 -6.44 -20.83 15.36
N VAL A 79 -7.01 -21.47 16.39
CA VAL A 79 -7.40 -22.87 16.26
C VAL A 79 -8.48 -23.02 15.20
N LYS A 80 -9.40 -22.05 15.10
CA LYS A 80 -10.41 -22.11 14.06
C LYS A 80 -9.76 -22.12 12.68
N PHE A 81 -8.87 -21.16 12.41
CA PHE A 81 -8.27 -21.07 11.08
C PHE A 81 -7.53 -22.34 10.70
N THR A 82 -6.65 -22.83 11.60
CA THR A 82 -5.72 -23.95 11.43
C THR A 82 -6.41 -25.32 11.42
N ARG A 83 -7.73 -25.39 11.24
CA ARG A 83 -8.51 -26.61 11.19
C ARG A 83 -8.46 -27.41 12.49
N GLY A 84 -7.86 -26.86 13.56
CA GLY A 84 -7.97 -27.47 14.87
C GLY A 84 -6.68 -27.99 15.50
N VAL A 85 -5.54 -27.39 15.19
CA VAL A 85 -4.27 -27.95 15.66
C VAL A 85 -4.05 -27.63 17.13
N ASP A 86 -2.78 -27.69 17.55
CA ASP A 86 -2.31 -27.32 18.88
C ASP A 86 -1.09 -26.41 18.66
N PHE A 87 -1.31 -25.13 18.40
CA PHE A 87 -0.22 -24.19 18.13
C PHE A 87 0.10 -23.36 19.37
N ASN A 88 1.37 -23.32 19.75
CA ASN A 88 1.84 -22.52 20.87
C ASN A 88 2.07 -21.06 20.44
N TRP A 89 2.16 -20.18 21.44
CA TRP A 89 2.25 -18.74 21.23
C TRP A 89 3.30 -18.15 22.15
N GLN A 90 4.30 -17.48 21.58
CA GLN A 90 5.19 -16.69 22.40
C GLN A 90 4.41 -15.63 23.15
N ALA A 91 4.90 -15.24 24.34
CA ALA A 91 4.28 -14.12 25.04
C ALA A 91 4.38 -12.86 24.20
N GLN A 92 5.52 -12.67 23.53
CA GLN A 92 5.74 -11.47 22.74
C GLN A 92 4.89 -11.47 21.47
N ALA A 93 4.53 -12.65 20.96
CA ALA A 93 3.60 -12.69 19.83
C ALA A 93 2.23 -12.16 20.24
N LEU A 94 1.73 -12.61 21.40
CA LEU A 94 0.43 -12.15 21.86
C LEU A 94 0.46 -10.67 22.22
N LEU A 95 1.57 -10.19 22.80
CA LEU A 95 1.64 -8.77 23.12
C LEU A 95 1.73 -7.92 21.86
N ALA A 96 2.48 -8.38 20.85
CA ALA A 96 2.53 -7.67 19.58
C ALA A 96 1.15 -7.64 18.93
N LEU A 97 0.47 -8.78 18.89
CA LEU A 97 -0.88 -8.86 18.34
C LEU A 97 -1.82 -7.91 19.04
N GLN A 98 -1.71 -7.79 20.37
CA GLN A 98 -2.60 -6.90 21.10
C GLN A 98 -2.24 -5.43 20.90
N GLU A 99 -0.95 -5.10 20.81
CA GLU A 99 -0.56 -3.74 20.46
C GLU A 99 -1.17 -3.33 19.13
N ALA A 100 -1.03 -4.20 18.12
CA ALA A 100 -1.60 -3.94 16.80
C ALA A 100 -3.12 -3.78 16.85
N ALA A 101 -3.81 -4.72 17.51
CA ALA A 101 -5.28 -4.69 17.52
C ALA A 101 -5.80 -3.46 18.25
N GLU A 102 -5.16 -3.09 19.35
CA GLU A 102 -5.62 -1.92 20.10
C GLU A 102 -5.36 -0.63 19.33
N ALA A 103 -4.19 -0.51 18.69
CA ALA A 103 -3.94 0.69 17.89
C ALA A 103 -4.92 0.77 16.73
N PHE A 104 -5.22 -0.36 16.11
CA PHE A 104 -6.20 -0.40 15.02
C PHE A 104 -7.55 0.09 15.49
N LEU A 105 -8.02 -0.42 16.65
CA LEU A 105 -9.34 -0.02 17.13
C LEU A 105 -9.37 1.45 17.52
N VAL A 106 -8.30 1.94 18.17
CA VAL A 106 -8.27 3.34 18.57
C VAL A 106 -8.35 4.25 17.35
N HIS A 107 -7.61 3.91 16.29
CA HIS A 107 -7.62 4.80 15.12
C HIS A 107 -8.92 4.70 14.35
N LEU A 108 -9.48 3.50 14.23
CA LEU A 108 -10.82 3.37 13.65
C LEU A 108 -11.84 4.17 14.43
N PHE A 109 -11.64 4.31 15.75
CA PHE A 109 -12.54 5.13 16.57
C PHE A 109 -12.34 6.61 16.30
N GLU A 110 -11.11 7.05 16.06
CA GLU A 110 -10.93 8.43 15.63
C GLU A 110 -11.68 8.71 14.34
N ASP A 111 -11.48 7.87 13.31
CA ASP A 111 -12.12 8.12 12.02
C ASP A 111 -13.63 8.07 12.13
N ALA A 112 -14.14 6.97 12.68
CA ALA A 112 -15.58 6.84 12.90
C ALA A 112 -16.13 8.04 13.66
N TYR A 113 -15.38 8.55 14.63
CA TYR A 113 -15.90 9.69 15.36
C TYR A 113 -15.92 10.95 14.53
N LEU A 114 -14.97 11.14 13.60
CA LEU A 114 -15.10 12.25 12.67
C LEU A 114 -16.39 12.12 11.85
N LEU A 115 -16.79 10.89 11.50
CA LEU A 115 -18.07 10.76 10.77
C LEU A 115 -19.26 11.09 11.66
N THR A 116 -19.24 10.60 12.91
CA THR A 116 -20.17 11.03 13.94
C THR A 116 -20.36 12.55 13.95
N LEU A 117 -19.26 13.29 14.16
CA LEU A 117 -19.36 14.74 14.24
C LEU A 117 -19.75 15.36 12.91
N HIS A 118 -19.41 14.70 11.80
CA HIS A 118 -19.85 15.15 10.50
C HIS A 118 -21.37 15.11 10.38
N ALA A 119 -22.01 14.18 11.07
CA ALA A 119 -23.45 14.03 11.06
C ALA A 119 -24.15 14.92 12.10
N GLY A 120 -23.42 15.80 12.78
CA GLY A 120 -24.04 16.62 13.80
C GLY A 120 -24.34 15.90 15.09
N ARG A 121 -23.80 14.71 15.29
CA ARG A 121 -23.96 13.99 16.54
C ARG A 121 -22.67 14.04 17.36
N VAL A 122 -22.76 13.56 18.61
CA VAL A 122 -21.59 13.25 19.41
C VAL A 122 -21.65 11.83 19.97
N THR A 123 -22.71 11.09 19.66
CA THR A 123 -22.80 9.66 19.97
C THR A 123 -22.30 8.85 18.77
N LEU A 124 -21.25 8.05 18.99
CA LEU A 124 -20.77 7.15 17.95
C LEU A 124 -21.76 6.01 17.75
N PHE A 125 -22.22 5.85 16.52
CA PHE A 125 -23.16 4.86 16.02
C PHE A 125 -22.42 3.75 15.27
N PRO A 126 -22.99 2.54 15.21
CA PRO A 126 -22.36 1.49 14.39
C PRO A 126 -22.15 1.91 12.95
N LYS A 127 -23.12 2.59 12.32
CA LYS A 127 -22.99 2.99 10.93
C LYS A 127 -21.86 3.98 10.73
N ASP A 128 -21.44 4.68 11.79
CA ASP A 128 -20.24 5.51 11.72
C ASP A 128 -18.99 4.64 11.54
N VAL A 129 -18.88 3.58 12.34
CA VAL A 129 -17.75 2.65 12.22
C VAL A 129 -17.76 1.98 10.85
N GLN A 130 -18.93 1.53 10.38
CA GLN A 130 -18.90 0.81 9.12
C GLN A 130 -18.67 1.75 7.94
N LEU A 131 -19.16 3.00 8.02
CA LEU A 131 -18.82 3.93 6.95
C LEU A 131 -17.33 4.21 6.93
N ALA A 132 -16.71 4.39 8.10
CA ALA A 132 -15.26 4.58 8.13
C ALA A 132 -14.52 3.38 7.55
N ARG A 133 -14.94 2.17 7.91
CA ARG A 133 -14.32 0.98 7.37
C ARG A 133 -14.47 0.92 5.85
N ARG A 134 -15.61 1.38 5.34
CA ARG A 134 -15.84 1.39 3.90
C ARG A 134 -14.93 2.39 3.20
N ILE A 135 -14.76 3.58 3.78
CA ILE A 135 -13.98 4.62 3.13
C ILE A 135 -12.48 4.32 3.23
N ARG A 136 -12.03 3.69 4.31
CA ARG A 136 -10.68 3.15 4.29
C ARG A 136 -10.51 2.05 3.26
N GLY A 137 -11.60 1.53 2.71
CA GLY A 137 -11.54 0.44 1.75
C GLY A 137 -11.33 -0.91 2.42
N ASN B 29 -16.75 -16.12 24.15
CA ASN B 29 -15.31 -15.99 24.35
C ASN B 29 -14.79 -14.67 23.78
N ILE B 30 -15.50 -14.19 22.77
CA ILE B 30 -15.32 -12.82 22.29
C ILE B 30 -15.99 -11.82 23.21
N GLN B 31 -16.82 -12.30 24.14
CA GLN B 31 -17.44 -11.42 25.13
C GLN B 31 -16.46 -11.04 26.22
N GLY B 32 -15.32 -11.74 26.31
CA GLY B 32 -14.27 -11.34 27.21
C GLY B 32 -13.68 -10.00 26.88
N ILE B 33 -13.93 -9.51 25.66
CA ILE B 33 -13.63 -8.14 25.30
C ILE B 33 -14.81 -7.31 25.82
N THR B 34 -14.68 -6.79 27.04
CA THR B 34 -15.82 -6.29 27.81
C THR B 34 -16.26 -4.90 27.33
N LYS B 35 -17.46 -4.52 27.77
CA LYS B 35 -17.94 -3.15 27.53
C LYS B 35 -17.02 -2.08 28.10
N PRO B 36 -16.56 -2.13 29.36
CA PRO B 36 -15.62 -1.09 29.82
C PRO B 36 -14.31 -1.09 29.05
N ALA B 37 -13.86 -2.23 28.54
CA ALA B 37 -12.64 -2.23 27.76
C ALA B 37 -12.83 -1.50 26.43
N ILE B 38 -13.94 -1.77 25.75
CA ILE B 38 -14.22 -1.10 24.50
C ILE B 38 -14.44 0.40 24.73
N ARG B 39 -15.18 0.74 25.80
CA ARG B 39 -15.29 2.14 26.20
C ARG B 39 -13.91 2.76 26.36
N ARG B 40 -12.98 2.05 27.02
CA ARG B 40 -11.63 2.60 27.17
C ARG B 40 -11.01 2.90 25.81
N LEU B 41 -11.10 1.92 24.90
CA LEU B 41 -10.57 2.11 23.55
C LEU B 41 -11.15 3.35 22.86
N ALA B 42 -12.48 3.52 22.93
CA ALA B 42 -13.10 4.65 22.26
C ALA B 42 -12.77 5.97 22.95
N ARG B 43 -12.59 5.95 24.28
CA ARG B 43 -12.16 7.16 24.99
C ARG B 43 -10.79 7.59 24.54
N ARG B 44 -9.86 6.64 24.38
CA ARG B 44 -8.57 7.00 23.80
C ARG B 44 -8.74 7.56 22.40
N GLY B 45 -9.75 7.10 21.66
CA GLY B 45 -10.11 7.65 20.37
C GLY B 45 -10.84 8.97 20.41
N GLY B 46 -11.01 9.56 21.59
CA GLY B 46 -11.65 10.85 21.72
C GLY B 46 -13.15 10.86 21.53
N VAL B 47 -13.81 9.74 21.77
CA VAL B 47 -15.26 9.63 21.63
C VAL B 47 -15.89 10.06 22.94
N LYS B 48 -16.88 10.96 22.85
CA LYS B 48 -17.54 11.45 24.06
C LYS B 48 -18.69 10.57 24.52
N ARG B 49 -19.49 10.06 23.59
CA ARG B 49 -20.65 9.24 23.93
C ARG B 49 -20.74 8.10 22.93
N ILE B 50 -21.25 6.97 23.40
CA ILE B 50 -21.14 5.70 22.70
C ILE B 50 -22.51 5.04 22.66
N SER B 51 -22.99 4.73 21.45
CA SER B 51 -24.22 3.97 21.31
C SER B 51 -24.07 2.58 21.90
N GLY B 52 -25.18 2.04 22.42
CA GLY B 52 -25.16 0.76 23.09
C GLY B 52 -24.86 -0.41 22.18
N LEU B 53 -25.01 -0.23 20.86
CA LEU B 53 -24.72 -1.26 19.88
C LEU B 53 -23.29 -1.22 19.38
N ILE B 54 -22.45 -0.31 19.91
CA ILE B 54 -21.07 -0.21 19.47
C ILE B 54 -20.21 -1.34 20.02
N TYR B 55 -20.64 -1.98 21.11
CA TYR B 55 -19.85 -3.08 21.65
C TYR B 55 -19.89 -4.30 20.73
N GLU B 56 -21.07 -4.62 20.19
CA GLU B 56 -21.15 -5.74 19.26
C GLU B 56 -20.38 -5.44 17.98
N GLU B 57 -20.55 -4.23 17.44
CA GLU B 57 -19.84 -3.88 16.21
C GLU B 57 -18.34 -3.92 16.42
N THR B 58 -17.87 -3.38 17.55
CA THR B 58 -16.45 -3.41 17.88
C THR B 58 -15.94 -4.84 18.01
N ARG B 59 -16.73 -5.72 18.64
CA ARG B 59 -16.29 -7.10 18.77
C ARG B 59 -16.18 -7.78 17.41
N GLY B 60 -17.14 -7.54 16.52
CA GLY B 60 -17.06 -8.11 15.18
C GLY B 60 -15.90 -7.57 14.37
N VAL B 61 -15.63 -6.26 14.47
CA VAL B 61 -14.51 -5.67 13.76
C VAL B 61 -13.19 -6.26 14.27
N LEU B 62 -13.04 -6.32 15.59
CA LEU B 62 -11.86 -6.95 16.15
C LEU B 62 -11.73 -8.39 15.69
N LYS B 63 -12.86 -9.08 15.51
CA LYS B 63 -12.82 -10.47 15.11
C LYS B 63 -12.28 -10.61 13.69
N VAL B 64 -12.70 -9.73 12.78
CA VAL B 64 -12.17 -9.76 11.41
C VAL B 64 -10.69 -9.40 11.38
N PHE B 65 -10.30 -8.38 12.15
CA PHE B 65 -8.88 -8.02 12.21
C PHE B 65 -8.04 -9.20 12.66
N LEU B 66 -8.40 -9.79 13.81
CA LEU B 66 -7.61 -10.88 14.37
C LEU B 66 -7.61 -12.08 13.44
N GLU B 67 -8.74 -12.37 12.82
CA GLU B 67 -8.76 -13.43 11.82
C GLU B 67 -7.71 -13.20 10.73
N ASN B 68 -7.70 -12.00 10.13
CA ASN B 68 -6.78 -11.74 9.03
C ASN B 68 -5.33 -11.86 9.48
N VAL B 69 -4.97 -11.17 10.56
CA VAL B 69 -3.58 -11.16 11.01
C VAL B 69 -3.15 -12.56 11.43
N ILE B 70 -3.96 -13.22 12.25
CA ILE B 70 -3.60 -14.53 12.78
C ILE B 70 -3.45 -15.55 11.66
N ARG B 71 -4.36 -15.50 10.67
CA ARG B 71 -4.20 -16.35 9.50
C ARG B 71 -2.82 -16.18 8.88
N ASP B 72 -2.43 -14.94 8.57
CA ASP B 72 -1.12 -14.73 7.97
C ASP B 72 0.03 -15.17 8.87
N ALA B 73 -0.04 -14.84 10.16
CA ALA B 73 1.05 -15.17 11.08
C ALA B 73 1.25 -16.67 11.21
N VAL B 74 0.16 -17.41 11.44
CA VAL B 74 0.24 -18.86 11.51
C VAL B 74 0.75 -19.43 10.19
N THR B 75 0.36 -18.84 9.05
CA THR B 75 0.94 -19.29 7.79
C THR B 75 2.46 -19.16 7.80
N TYR B 76 2.97 -18.02 8.29
CA TYR B 76 4.42 -17.85 8.43
C TYR B 76 5.02 -18.89 9.36
N THR B 77 4.27 -19.28 10.41
CA THR B 77 4.74 -20.32 11.32
C THR B 77 4.85 -21.67 10.62
N GLU B 78 3.78 -22.08 9.93
CA GLU B 78 3.77 -23.37 9.25
C GLU B 78 4.89 -23.45 8.22
N HIS B 79 5.14 -22.37 7.48
CA HIS B 79 6.18 -22.48 6.47
C HIS B 79 7.55 -22.68 7.11
N ALA B 80 7.78 -22.07 8.27
CA ALA B 80 9.04 -22.24 8.97
C ALA B 80 9.13 -23.57 9.70
N LYS B 81 8.14 -24.45 9.53
CA LYS B 81 8.10 -25.75 10.19
C LYS B 81 8.21 -25.58 11.71
N ARG B 82 7.56 -24.57 12.25
CA ARG B 82 7.50 -24.36 13.68
C ARG B 82 6.07 -24.61 14.16
N LYS B 83 5.93 -24.95 15.43
CA LYS B 83 4.60 -25.05 16.04
C LYS B 83 4.36 -23.99 17.10
N THR B 84 5.20 -22.95 17.11
CA THR B 84 5.10 -21.84 18.05
C THR B 84 5.05 -20.54 17.26
N VAL B 85 4.01 -19.76 17.47
CA VAL B 85 3.92 -18.45 16.84
C VAL B 85 4.89 -17.50 17.54
N THR B 86 5.88 -17.02 16.80
CA THR B 86 6.82 -16.06 17.36
C THR B 86 6.32 -14.64 17.11
N ALA B 87 6.96 -13.67 17.78
CA ALA B 87 6.58 -12.28 17.57
C ALA B 87 6.87 -11.86 16.14
N MET B 88 7.97 -12.35 15.57
CA MET B 88 8.33 -12.04 14.19
C MET B 88 7.27 -12.52 13.20
N ASP B 89 6.69 -13.69 13.43
CA ASP B 89 5.59 -14.14 12.58
C ASP B 89 4.49 -13.08 12.53
N VAL B 90 4.12 -12.56 13.70
CA VAL B 90 3.04 -11.57 13.79
C VAL B 90 3.48 -10.27 13.12
N VAL B 91 4.76 -9.91 13.24
CA VAL B 91 5.27 -8.67 12.66
C VAL B 91 5.23 -8.76 11.14
N TYR B 92 5.63 -9.90 10.58
CA TYR B 92 5.53 -10.09 9.14
C TYR B 92 4.09 -10.03 8.68
N ALA B 93 3.20 -10.73 9.39
CA ALA B 93 1.79 -10.67 9.05
C ALA B 93 1.28 -9.23 9.02
N LEU B 94 1.64 -8.44 10.03
CA LEU B 94 1.19 -7.05 10.07
C LEU B 94 1.81 -6.22 8.95
N LYS B 95 3.10 -6.43 8.67
CA LYS B 95 3.79 -5.63 7.67
C LYS B 95 3.21 -5.88 6.29
N ARG B 96 2.83 -7.13 6.00
CA ARG B 96 2.36 -7.37 4.66
C ARG B 96 0.91 -6.93 4.44
N GLN B 97 0.17 -6.65 5.52
CA GLN B 97 -1.13 -6.02 5.41
C GLN B 97 -1.06 -4.52 5.64
N GLY B 98 0.12 -3.92 5.43
CA GLY B 98 0.25 -2.47 5.53
C GLY B 98 0.02 -1.93 6.91
N ARG B 99 0.36 -2.68 7.96
CA ARG B 99 0.11 -2.29 9.34
C ARG B 99 1.39 -2.50 10.14
N THR B 100 2.48 -1.85 9.70
CA THR B 100 3.80 -2.00 10.30
C THR B 100 3.82 -1.70 11.79
N LEU B 101 4.29 -2.66 12.59
CA LEU B 101 4.45 -2.53 14.03
C LEU B 101 5.94 -2.39 14.36
N TYR B 102 6.28 -1.40 15.20
CA TYR B 102 7.65 -1.24 15.68
C TYR B 102 7.78 -1.76 17.11
N GLY B 103 8.91 -2.35 17.42
CA GLY B 103 9.23 -2.69 18.78
C GLY B 103 9.23 -4.16 19.14
N PHE B 104 9.25 -5.05 18.17
CA PHE B 104 9.21 -6.48 18.46
C PHE B 104 10.21 -7.25 17.61
N GLY B 105 11.28 -6.59 17.17
CA GLY B 105 12.25 -7.26 16.33
C GLY B 105 12.13 -6.93 14.86
N GLY B 106 11.35 -5.92 14.50
CA GLY B 106 11.16 -5.49 13.12
C GLY B 106 10.00 -4.50 13.07
N ALA C 16 18.86 -36.17 -28.91
CA ALA C 16 17.64 -36.56 -28.18
C ALA C 16 16.56 -35.48 -28.27
N LYS C 17 15.29 -35.89 -28.34
CA LYS C 17 14.21 -35.00 -28.71
C LYS C 17 13.84 -34.07 -27.55
N ALA C 18 13.60 -32.80 -27.88
CA ALA C 18 13.31 -31.79 -26.87
C ALA C 18 11.85 -31.81 -26.45
N LYS C 19 11.62 -31.77 -25.14
CA LYS C 19 10.30 -31.59 -24.55
C LYS C 19 10.38 -30.37 -23.63
N THR C 20 9.46 -29.43 -23.78
CA THR C 20 9.51 -28.25 -22.92
C THR C 20 8.94 -28.59 -21.54
N ARG C 21 9.38 -27.81 -20.55
CA ARG C 21 8.89 -27.99 -19.19
C ARG C 21 7.41 -27.64 -19.09
N SER C 22 6.93 -26.72 -19.92
CA SER C 22 5.49 -26.46 -19.98
C SER C 22 4.71 -27.73 -20.31
N SER C 23 5.16 -28.48 -21.33
CA SER C 23 4.51 -29.75 -21.67
C SER C 23 4.64 -30.74 -20.51
N ARG C 24 5.84 -30.85 -19.94
CA ARG C 24 6.07 -31.77 -18.84
C ARG C 24 5.11 -31.48 -17.70
N ALA C 25 4.80 -30.20 -17.46
CA ALA C 25 3.92 -29.81 -16.36
C ALA C 25 2.46 -29.73 -16.77
N GLY C 26 2.16 -29.74 -18.06
CA GLY C 26 0.78 -29.70 -18.49
C GLY C 26 0.22 -28.29 -18.48
N LEU C 27 1.02 -27.31 -18.91
CA LEU C 27 0.69 -25.90 -18.75
C LEU C 27 0.82 -25.14 -20.06
N GLN C 28 0.03 -24.08 -20.20
CA GLN C 28 0.15 -23.14 -21.31
C GLN C 28 1.16 -22.04 -21.05
N PHE C 29 1.28 -21.59 -19.79
CA PHE C 29 2.21 -20.52 -19.49
C PHE C 29 3.64 -21.05 -19.52
N PRO C 30 4.60 -20.22 -19.86
CA PRO C 30 5.93 -20.74 -20.17
C PRO C 30 6.76 -20.91 -18.92
N VAL C 31 7.10 -22.17 -18.57
CA VAL C 31 7.86 -22.41 -17.35
C VAL C 31 9.29 -21.89 -17.48
N GLY C 32 9.91 -22.10 -18.63
CA GLY C 32 11.28 -21.64 -18.83
C GLY C 32 11.41 -20.13 -18.72
N ARG C 33 10.43 -19.40 -19.26
CA ARG C 33 10.44 -17.95 -19.15
C ARG C 33 10.28 -17.50 -17.71
N VAL C 34 9.32 -18.09 -16.98
CA VAL C 34 9.13 -17.77 -15.58
C VAL C 34 10.41 -18.02 -14.81
N HIS C 35 11.11 -19.12 -15.12
CA HIS C 35 12.35 -19.44 -14.43
C HIS C 35 13.39 -18.36 -14.69
N ARG C 36 13.55 -17.98 -15.95
CA ARG C 36 14.47 -16.91 -16.27
C ARG C 36 14.12 -15.64 -15.52
N LEU C 37 12.84 -15.28 -15.46
CA LEU C 37 12.43 -14.05 -14.80
C LEU C 37 12.69 -14.12 -13.30
N LEU C 38 12.59 -15.32 -12.70
CA LEU C 38 12.98 -15.50 -11.31
C LEU C 38 14.48 -15.30 -11.12
N ARG C 39 15.30 -15.83 -12.02
CA ARG C 39 16.76 -15.61 -11.92
C ARG C 39 17.10 -14.13 -12.05
N LYS C 40 16.51 -13.47 -13.04
CA LYS C 40 16.88 -12.11 -13.40
C LYS C 40 16.34 -11.10 -12.42
N GLY C 41 15.40 -11.50 -11.56
CA GLY C 41 14.78 -10.59 -10.64
C GLY C 41 15.44 -10.46 -9.30
N ASN C 42 16.53 -11.21 -9.05
CA ASN C 42 17.25 -11.12 -7.78
C ASN C 42 16.34 -11.40 -6.58
N TYR C 43 15.62 -12.51 -6.64
CA TYR C 43 14.73 -12.88 -5.55
C TYR C 43 15.43 -13.80 -4.59
N SER C 44 16.39 -14.58 -5.07
CA SER C 44 17.15 -15.50 -4.25
C SER C 44 18.41 -15.87 -5.03
N GLU C 45 19.40 -16.38 -4.30
CA GLU C 45 20.62 -16.80 -4.97
C GLU C 45 20.36 -17.99 -5.89
N ARG C 46 19.43 -18.87 -5.50
CA ARG C 46 19.16 -20.14 -6.19
C ARG C 46 17.66 -20.32 -6.36
N VAL C 47 17.28 -21.04 -7.42
CA VAL C 47 15.87 -21.27 -7.75
C VAL C 47 15.68 -22.77 -7.99
N GLY C 48 14.79 -23.38 -7.20
CA GLY C 48 14.51 -24.79 -7.36
C GLY C 48 13.74 -25.10 -8.63
N ALA C 49 13.81 -26.38 -9.03
CA ALA C 49 13.17 -26.80 -10.27
C ALA C 49 11.66 -26.63 -10.21
N GLY C 50 11.05 -26.84 -9.04
CA GLY C 50 9.61 -26.81 -8.95
C GLY C 50 9.02 -25.43 -8.77
N ALA C 51 9.83 -24.44 -8.40
CA ALA C 51 9.29 -23.10 -8.22
C ALA C 51 8.72 -22.52 -9.51
N PRO C 52 9.45 -22.49 -10.64
CA PRO C 52 8.84 -21.89 -11.83
C PRO C 52 7.63 -22.64 -12.36
N VAL C 53 7.58 -23.96 -12.19
CA VAL C 53 6.38 -24.73 -12.55
C VAL C 53 5.19 -24.25 -11.71
N TYR C 54 5.36 -24.24 -10.39
CA TYR C 54 4.29 -23.80 -9.51
C TYR C 54 3.84 -22.37 -9.83
N LEU C 55 4.81 -21.45 -9.96
CA LEU C 55 4.48 -20.06 -10.24
C LEU C 55 3.76 -19.92 -11.58
N ALA C 56 4.28 -20.54 -12.63
CA ALA C 56 3.63 -20.46 -13.95
C ALA C 56 2.23 -21.00 -13.88
N ALA C 57 2.03 -22.07 -13.10
CA ALA C 57 0.71 -22.67 -12.97
C ALA C 57 -0.25 -21.72 -12.27
N VAL C 58 0.18 -21.14 -11.15
CA VAL C 58 -0.65 -20.18 -10.43
C VAL C 58 -1.05 -19.02 -11.34
N LEU C 59 -0.10 -18.45 -12.05
CA LEU C 59 -0.44 -17.33 -12.93
C LEU C 59 -1.46 -17.77 -13.97
N GLU C 60 -1.20 -18.90 -14.64
CA GLU C 60 -2.13 -19.42 -15.63
C GLU C 60 -3.52 -19.67 -15.04
N TYR C 61 -3.60 -20.13 -13.78
CA TYR C 61 -4.91 -20.34 -13.19
C TYR C 61 -5.64 -19.02 -12.97
N LEU C 62 -4.98 -18.04 -12.35
CA LEU C 62 -5.67 -16.78 -12.10
C LEU C 62 -6.11 -16.14 -13.41
N THR C 63 -5.27 -16.20 -14.44
CA THR C 63 -5.64 -15.77 -15.80
C THR C 63 -6.85 -16.51 -16.32
N ALA C 64 -6.88 -17.82 -16.13
CA ALA C 64 -8.03 -18.61 -16.53
C ALA C 64 -9.29 -18.11 -15.85
N GLU C 65 -9.18 -17.82 -14.56
CA GLU C 65 -10.31 -17.39 -13.75
C GLU C 65 -10.82 -16.01 -14.14
N ILE C 66 -9.93 -15.11 -14.55
CA ILE C 66 -10.41 -13.78 -14.93
C ILE C 66 -11.01 -13.81 -16.33
N LEU C 67 -10.34 -14.52 -17.26
CA LEU C 67 -10.86 -14.67 -18.61
C LEU C 67 -12.21 -15.39 -18.64
N GLU C 68 -12.41 -16.34 -17.74
CA GLU C 68 -13.71 -16.99 -17.58
C GLU C 68 -14.81 -15.96 -17.36
N LEU C 69 -14.75 -15.26 -16.21
CA LEU C 69 -15.78 -14.30 -15.84
C LEU C 69 -15.93 -13.17 -16.85
N ALA C 70 -14.81 -12.68 -17.39
CA ALA C 70 -14.90 -11.56 -18.32
C ALA C 70 -15.53 -11.99 -19.63
N GLY C 71 -15.21 -13.22 -20.09
CA GLY C 71 -15.91 -13.74 -21.23
C GLY C 71 -17.41 -13.82 -21.00
N ASN C 72 -17.82 -14.30 -19.82
CA ASN C 72 -19.23 -14.22 -19.44
C ASN C 72 -19.78 -12.81 -19.65
N ALA C 73 -19.12 -11.81 -19.05
CA ALA C 73 -19.59 -10.43 -19.19
C ALA C 73 -19.69 -10.04 -20.66
N ALA C 74 -18.76 -10.52 -21.48
CA ALA C 74 -18.81 -10.17 -22.89
C ALA C 74 -20.01 -10.78 -23.57
N ARG C 75 -20.43 -11.99 -23.16
CA ARG C 75 -21.60 -12.60 -23.77
C ARG C 75 -22.90 -12.02 -23.24
N ASP C 76 -22.98 -11.61 -21.98
CA ASP C 76 -24.17 -10.91 -21.52
C ASP C 76 -24.37 -9.59 -22.24
N ASN C 77 -23.28 -9.00 -22.76
CA ASN C 77 -23.33 -7.75 -23.51
C ASN C 77 -23.35 -8.02 -25.01
N LYS C 78 -23.69 -9.25 -25.39
CA LYS C 78 -23.76 -9.71 -26.78
C LYS C 78 -22.53 -9.25 -27.60
N LYS C 79 -21.36 -9.41 -27.00
CA LYS C 79 -20.09 -9.15 -27.69
C LYS C 79 -19.23 -10.40 -27.72
N THR C 80 -18.54 -10.60 -28.83
CA THR C 80 -17.68 -11.76 -28.97
C THR C 80 -16.23 -11.47 -28.60
N ARG C 81 -15.89 -10.22 -28.31
CA ARG C 81 -14.53 -9.84 -28.02
C ARG C 81 -14.50 -9.15 -26.65
N ILE C 82 -13.59 -9.58 -25.78
CA ILE C 82 -13.45 -9.02 -24.44
C ILE C 82 -12.79 -7.64 -24.51
N ILE C 83 -13.40 -6.66 -23.85
CA ILE C 83 -12.82 -5.32 -23.78
C ILE C 83 -12.58 -5.01 -22.30
N PRO C 84 -11.80 -3.97 -21.98
CA PRO C 84 -11.51 -3.68 -20.57
C PRO C 84 -12.74 -3.62 -19.67
N ARG C 85 -13.85 -3.10 -20.18
CA ARG C 85 -15.08 -3.02 -19.40
C ARG C 85 -15.46 -4.38 -18.86
N HIS C 86 -15.32 -5.43 -19.67
CA HIS C 86 -15.66 -6.79 -19.23
C HIS C 86 -14.73 -7.25 -18.12
N LEU C 87 -13.45 -6.90 -18.21
CA LEU C 87 -12.54 -7.21 -17.11
C LEU C 87 -12.98 -6.52 -15.83
N GLN C 88 -13.33 -5.23 -15.92
CA GLN C 88 -13.78 -4.50 -14.74
C GLN C 88 -15.03 -5.14 -14.13
N LEU C 89 -16.03 -5.43 -14.96
CA LEU C 89 -17.23 -6.10 -14.47
C LEU C 89 -16.90 -7.43 -13.80
N ALA C 90 -16.06 -8.25 -14.45
CA ALA C 90 -15.70 -9.55 -13.89
C ALA C 90 -14.99 -9.41 -12.55
N ILE C 91 -13.97 -8.56 -12.48
CA ILE C 91 -13.22 -8.40 -11.25
C ILE C 91 -14.12 -7.84 -10.15
N ARG C 92 -14.82 -6.74 -10.43
CA ARG C 92 -15.54 -6.05 -9.35
C ARG C 92 -16.77 -6.83 -8.88
N ASN C 93 -17.40 -7.61 -9.77
CA ASN C 93 -18.57 -8.36 -9.34
C ASN C 93 -18.20 -9.66 -8.65
N ASP C 94 -16.92 -10.03 -8.67
CA ASP C 94 -16.44 -11.20 -7.94
C ASP C 94 -15.76 -10.73 -6.67
N GLU C 95 -16.28 -11.17 -5.53
CA GLU C 95 -15.79 -10.66 -4.24
C GLU C 95 -14.29 -10.88 -4.07
N GLU C 96 -13.80 -12.02 -4.54
CA GLU C 96 -12.40 -12.35 -4.29
C GLU C 96 -11.46 -11.71 -5.31
N LEU C 97 -11.78 -11.80 -6.60
CA LEU C 97 -11.01 -11.06 -7.58
C LEU C 97 -10.98 -9.57 -7.22
N ASN C 98 -12.04 -9.08 -6.57
CA ASN C 98 -12.11 -7.68 -6.17
C ASN C 98 -11.20 -7.38 -4.97
N LYS C 99 -11.08 -8.32 -4.03
CA LYS C 99 -10.15 -8.12 -2.92
C LYS C 99 -8.71 -8.22 -3.39
N LEU C 100 -8.43 -9.12 -4.34
CA LEU C 100 -7.07 -9.29 -4.82
C LEU C 100 -6.59 -8.11 -5.66
N LEU C 101 -7.46 -7.48 -6.43
CA LEU C 101 -7.13 -6.33 -7.25
C LEU C 101 -7.79 -5.07 -6.71
N GLY C 102 -7.91 -4.97 -5.39
CA GLY C 102 -8.60 -3.86 -4.74
C GLY C 102 -7.85 -2.54 -4.76
N ARG C 103 -6.53 -2.58 -4.87
CA ARG C 103 -5.74 -1.37 -5.07
C ARG C 103 -5.25 -1.25 -6.51
N VAL C 104 -6.05 -1.70 -7.48
CA VAL C 104 -5.65 -1.77 -8.89
C VAL C 104 -6.69 -1.06 -9.75
N THR C 105 -6.22 -0.25 -10.68
CA THR C 105 -7.10 0.43 -11.62
C THR C 105 -7.00 -0.21 -12.99
N ILE C 106 -8.16 -0.52 -13.57
CA ILE C 106 -8.27 -1.06 -14.92
C ILE C 106 -8.50 0.12 -15.85
N ALA C 107 -7.54 0.42 -16.71
CA ALA C 107 -7.74 1.49 -17.68
C ALA C 107 -8.96 1.19 -18.55
N GLN C 108 -9.80 2.21 -18.77
CA GLN C 108 -11.02 2.09 -19.60
C GLN C 108 -12.02 1.09 -19.02
N GLY C 109 -11.99 0.86 -17.72
CA GLY C 109 -12.92 -0.09 -17.13
C GLY C 109 -14.21 0.47 -16.57
N GLY C 110 -14.24 1.78 -16.27
CA GLY C 110 -15.42 2.35 -15.66
C GLY C 110 -15.66 1.82 -14.24
N VAL C 111 -16.89 2.04 -13.77
CA VAL C 111 -17.26 1.65 -12.42
C VAL C 111 -18.53 0.80 -12.50
N LEU C 112 -18.86 0.15 -11.38
CA LEU C 112 -20.07 -0.67 -11.30
C LEU C 112 -21.28 0.24 -11.15
N PRO C 113 -22.35 0.00 -11.92
CA PRO C 113 -23.60 0.74 -11.69
C PRO C 113 -24.03 0.69 -10.25
N ASN C 114 -24.21 1.83 -9.60
CA ASN C 114 -24.63 1.85 -8.21
C ASN C 114 -25.16 3.23 -7.88
N ILE C 115 -26.48 3.36 -7.72
CA ILE C 115 -27.06 4.60 -7.24
C ILE C 115 -27.50 4.34 -5.80
N GLN C 116 -27.01 5.15 -4.88
CA GLN C 116 -27.51 5.09 -3.52
C GLN C 116 -29.02 5.32 -3.52
N ALA C 117 -29.75 4.46 -2.80
CA ALA C 117 -31.21 4.50 -2.82
C ALA C 117 -31.75 5.89 -2.47
N VAL C 118 -31.20 6.53 -1.43
CA VAL C 118 -31.68 7.80 -0.95
C VAL C 118 -31.79 8.84 -2.07
N LEU C 119 -31.02 8.64 -3.15
CA LEU C 119 -31.00 9.59 -4.25
C LEU C 119 -32.13 9.38 -5.25
N LEU C 120 -32.77 8.21 -5.25
CA LEU C 120 -33.89 7.98 -6.16
C LEU C 120 -35.12 8.77 -5.70
N PRO C 121 -36.01 9.13 -6.63
CA PRO C 121 -37.21 9.87 -6.24
C PRO C 121 -38.10 9.00 -5.35
N LYS C 122 -38.99 9.67 -4.62
CA LYS C 122 -39.73 8.97 -3.57
C LYS C 122 -41.21 9.29 -3.60
N LYS D 34 18.98 -4.60 -35.85
CA LYS D 34 18.20 -3.42 -36.11
C LYS D 34 16.70 -3.62 -35.89
N ARG D 35 16.34 -4.21 -34.76
CA ARG D 35 14.93 -4.38 -34.42
C ARG D 35 14.77 -4.79 -32.97
N SER D 36 13.89 -4.10 -32.26
CA SER D 36 13.60 -4.41 -30.86
C SER D 36 12.79 -5.71 -30.76
N ARG D 37 12.87 -6.33 -29.59
CA ARG D 37 12.21 -7.63 -29.36
C ARG D 37 11.55 -7.56 -27.98
N LYS D 38 10.24 -7.38 -27.97
CA LYS D 38 9.47 -7.19 -26.75
C LYS D 38 8.76 -8.47 -26.40
N GLU D 39 9.08 -9.04 -25.25
CA GLU D 39 8.34 -10.21 -24.81
C GLU D 39 7.10 -9.78 -24.05
N SER D 40 6.21 -10.74 -23.83
CA SER D 40 4.86 -10.47 -23.38
C SER D 40 4.20 -11.83 -23.13
N TYR D 41 3.09 -11.79 -22.39
CA TYR D 41 2.32 -12.98 -22.07
C TYR D 41 1.19 -13.25 -23.06
N SER D 42 1.19 -12.55 -24.20
CA SER D 42 0.00 -12.50 -25.05
C SER D 42 -0.39 -13.85 -25.61
N ILE D 43 0.56 -14.62 -26.14
CA ILE D 43 0.19 -15.90 -26.73
C ILE D 43 -0.42 -16.82 -25.67
N TYR D 44 0.10 -16.77 -24.44
CA TYR D 44 -0.41 -17.67 -23.41
C TYR D 44 -1.73 -17.20 -22.85
N VAL D 45 -1.92 -15.88 -22.75
CA VAL D 45 -3.24 -15.40 -22.37
C VAL D 45 -4.25 -15.83 -23.41
N TYR D 46 -3.84 -15.80 -24.69
CA TYR D 46 -4.74 -16.19 -25.77
C TYR D 46 -5.02 -17.69 -25.74
N LYS D 47 -4.00 -18.50 -25.44
CA LYS D 47 -4.22 -19.95 -25.34
C LYS D 47 -5.25 -20.25 -24.26
N VAL D 48 -5.05 -19.68 -23.07
CA VAL D 48 -5.99 -19.87 -21.96
C VAL D 48 -7.38 -19.35 -22.34
N LEU D 49 -7.43 -18.21 -23.04
CA LEU D 49 -8.71 -17.65 -23.46
C LEU D 49 -9.45 -18.63 -24.35
N LYS D 50 -8.76 -19.16 -25.36
CA LYS D 50 -9.39 -20.14 -26.24
C LYS D 50 -9.86 -21.37 -25.47
N GLN D 51 -9.22 -21.70 -24.35
CA GLN D 51 -9.69 -22.87 -23.62
C GLN D 51 -10.93 -22.58 -22.78
N VAL D 52 -11.03 -21.41 -22.18
CA VAL D 52 -12.20 -21.16 -21.33
C VAL D 52 -13.38 -20.64 -22.15
N HIS D 53 -13.09 -19.95 -23.26
CA HIS D 53 -14.11 -19.36 -24.13
C HIS D 53 -13.62 -19.49 -25.56
N PRO D 54 -13.94 -20.61 -26.23
CA PRO D 54 -13.39 -20.80 -27.59
C PRO D 54 -13.92 -19.83 -28.62
N ASP D 55 -15.13 -19.29 -28.43
CA ASP D 55 -15.76 -18.40 -29.39
C ASP D 55 -15.31 -16.95 -29.25
N THR D 56 -14.61 -16.62 -28.16
CA THR D 56 -14.33 -15.24 -27.76
C THR D 56 -12.91 -14.81 -28.11
N GLY D 57 -12.77 -13.52 -28.45
CA GLY D 57 -11.50 -12.89 -28.70
C GLY D 57 -11.20 -11.82 -27.67
N ILE D 58 -10.19 -10.99 -27.91
CA ILE D 58 -9.81 -10.00 -26.89
C ILE D 58 -9.15 -8.81 -27.57
N SER D 59 -9.68 -7.61 -27.29
CA SER D 59 -9.07 -6.38 -27.78
C SER D 59 -7.69 -6.18 -27.16
N SER D 60 -6.79 -5.55 -27.93
CA SER D 60 -5.41 -5.35 -27.49
C SER D 60 -5.33 -4.56 -26.19
N LYS D 61 -6.27 -3.65 -25.92
CA LYS D 61 -6.26 -2.96 -24.64
C LYS D 61 -6.54 -3.95 -23.52
N ALA D 62 -7.56 -4.80 -23.70
CA ALA D 62 -7.86 -5.81 -22.70
C ALA D 62 -6.68 -6.76 -22.50
N MET D 63 -5.98 -7.07 -23.59
CA MET D 63 -4.80 -7.90 -23.47
C MET D 63 -3.74 -7.18 -22.66
N GLY D 64 -3.61 -5.87 -22.85
CA GLY D 64 -2.69 -5.09 -22.04
C GLY D 64 -3.04 -5.15 -20.57
N ILE D 65 -4.33 -5.11 -20.26
CA ILE D 65 -4.77 -5.29 -18.88
C ILE D 65 -4.33 -6.66 -18.37
N MET D 66 -4.46 -7.70 -19.19
CA MET D 66 -4.06 -9.05 -18.78
C MET D 66 -2.55 -9.14 -18.52
N ASN D 67 -1.73 -8.65 -19.46
CA ASN D 67 -0.29 -8.67 -19.27
C ASN D 67 0.10 -7.91 -18.02
N SER D 68 -0.52 -6.73 -17.80
CA SER D 68 -0.31 -6.00 -16.56
C SER D 68 -0.59 -6.89 -15.38
N PHE D 69 -1.72 -7.59 -15.40
CA PHE D 69 -2.13 -8.47 -14.30
C PHE D 69 -1.13 -9.61 -14.06
N VAL D 70 -0.65 -10.25 -15.12
CA VAL D 70 0.26 -11.38 -14.94
C VAL D 70 1.56 -10.88 -14.32
N ASN D 71 2.11 -9.78 -14.85
CA ASN D 71 3.32 -9.22 -14.30
C ASN D 71 3.12 -8.81 -12.84
N ASP D 72 1.94 -8.26 -12.54
CA ASP D 72 1.64 -7.82 -11.19
C ASP D 72 1.66 -9.00 -10.21
N ILE D 73 0.86 -10.03 -10.49
CA ILE D 73 0.79 -11.17 -9.58
C ILE D 73 2.13 -11.89 -9.52
N PHE D 74 2.84 -11.97 -10.64
CA PHE D 74 4.19 -12.50 -10.63
C PHE D 74 5.05 -11.80 -9.60
N GLU D 75 5.10 -10.46 -9.62
CA GLU D 75 6.02 -9.82 -8.69
C GLU D 75 5.50 -9.89 -7.26
N ARG D 76 4.20 -9.94 -7.07
CA ARG D 76 3.67 -10.10 -5.72
C ARG D 76 4.08 -11.46 -5.14
N ILE D 77 3.91 -12.53 -5.93
CA ILE D 77 4.24 -13.89 -5.47
C ILE D 77 5.75 -14.04 -5.30
N ALA D 78 6.53 -13.63 -6.30
CA ALA D 78 7.97 -13.77 -6.21
C ALA D 78 8.53 -12.92 -5.07
N GLY D 79 8.03 -11.69 -4.93
CA GLY D 79 8.46 -10.86 -3.82
C GLY D 79 8.20 -11.51 -2.47
N GLU D 80 6.97 -12.04 -2.28
CA GLU D 80 6.65 -12.66 -1.02
C GLU D 80 7.49 -13.91 -0.77
N ALA D 81 7.73 -14.70 -1.82
CA ALA D 81 8.58 -15.87 -1.70
C ALA D 81 10.02 -15.47 -1.36
N SER D 82 10.48 -14.36 -1.91
CA SER D 82 11.82 -13.87 -1.60
C SER D 82 11.94 -13.51 -0.14
N ARG D 83 10.94 -12.80 0.39
CA ARG D 83 10.95 -12.50 1.81
C ARG D 83 10.88 -13.78 2.64
N LEU D 84 10.13 -14.79 2.17
CA LEU D 84 10.02 -16.04 2.93
C LEU D 84 11.35 -16.75 3.01
N ALA D 85 12.05 -16.87 1.88
CA ALA D 85 13.35 -17.52 1.92
C ALA D 85 14.30 -16.74 2.80
N HIS D 86 14.24 -15.40 2.74
CA HIS D 86 15.15 -14.60 3.56
C HIS D 86 14.87 -14.80 5.05
N TYR D 87 13.60 -14.68 5.47
CA TYR D 87 13.22 -14.87 6.87
C TYR D 87 13.74 -16.19 7.44
N ASN D 88 13.73 -17.25 6.64
CA ASN D 88 14.17 -18.56 7.09
C ASN D 88 15.61 -18.89 6.69
N LYS D 89 16.40 -17.88 6.35
CA LYS D 89 17.84 -18.04 6.13
C LYS D 89 18.13 -19.13 5.09
N ARG D 90 17.24 -19.28 4.13
CA ARG D 90 17.41 -20.22 3.04
C ARG D 90 17.74 -19.42 1.79
N SER D 91 18.64 -19.94 0.96
CA SER D 91 19.06 -19.22 -0.23
C SER D 91 18.38 -19.70 -1.49
N THR D 92 17.58 -20.75 -1.42
CA THR D 92 16.87 -21.28 -2.57
C THR D 92 15.39 -20.94 -2.45
N ILE D 93 14.80 -20.45 -3.53
CA ILE D 93 13.35 -20.31 -3.62
C ILE D 93 12.82 -21.59 -4.25
N THR D 94 12.08 -22.36 -3.48
CA THR D 94 11.48 -23.61 -3.92
C THR D 94 9.99 -23.45 -4.09
N SER D 95 9.36 -24.46 -4.69
CA SER D 95 7.91 -24.43 -4.84
C SER D 95 7.21 -24.31 -3.49
N ARG D 96 7.89 -24.63 -2.39
CA ARG D 96 7.28 -24.45 -1.08
C ARG D 96 7.11 -22.97 -0.74
N GLU D 97 8.16 -22.17 -0.98
CA GLU D 97 8.05 -20.72 -0.78
C GLU D 97 7.03 -20.10 -1.71
N ILE D 98 6.93 -20.62 -2.94
CA ILE D 98 5.89 -20.17 -3.85
C ILE D 98 4.53 -20.47 -3.26
N GLN D 99 4.38 -21.67 -2.67
CA GLN D 99 3.09 -22.09 -2.12
C GLN D 99 2.68 -21.22 -0.95
N THR D 100 3.61 -20.96 -0.03
CA THR D 100 3.25 -20.11 1.09
C THR D 100 2.96 -18.69 0.62
N ALA D 101 3.71 -18.18 -0.36
CA ALA D 101 3.39 -16.86 -0.88
C ALA D 101 1.98 -16.83 -1.45
N VAL D 102 1.60 -17.88 -2.19
CA VAL D 102 0.25 -17.96 -2.74
C VAL D 102 -0.81 -18.01 -1.64
N ARG D 103 -0.57 -18.78 -0.56
CA ARG D 103 -1.54 -18.80 0.53
C ARG D 103 -1.63 -17.44 1.21
N LEU D 104 -0.50 -16.76 1.35
CA LEU D 104 -0.50 -15.46 1.99
C LEU D 104 -1.17 -14.39 1.13
N LEU D 105 -1.14 -14.53 -0.19
CA LEU D 105 -1.57 -13.46 -1.07
C LEU D 105 -2.97 -13.64 -1.64
N LEU D 106 -3.38 -14.86 -1.87
CA LEU D 106 -4.70 -14.90 -2.48
C LEU D 106 -5.77 -15.03 -1.40
N PRO D 107 -6.91 -14.39 -1.60
CA PRO D 107 -8.07 -14.66 -0.76
C PRO D 107 -8.48 -16.12 -0.90
N GLY D 108 -8.99 -16.70 0.20
CA GLY D 108 -9.29 -18.12 0.26
C GLY D 108 -10.13 -18.57 -0.91
N GLU D 109 -10.09 -19.84 -1.27
CA GLU D 109 -10.84 -20.40 -2.40
C GLU D 109 -10.04 -20.15 -3.67
N LEU D 110 -9.82 -18.88 -4.01
CA LEU D 110 -8.79 -18.55 -5.00
C LEU D 110 -7.45 -19.16 -4.60
N ALA D 111 -7.08 -19.05 -3.32
CA ALA D 111 -5.82 -19.62 -2.88
C ALA D 111 -5.85 -21.13 -2.93
N LYS D 112 -6.96 -21.74 -2.48
CA LYS D 112 -7.09 -23.19 -2.55
C LYS D 112 -6.95 -23.69 -3.99
N HIS D 113 -7.74 -23.13 -4.91
CA HIS D 113 -7.71 -23.61 -6.29
C HIS D 113 -6.35 -23.35 -6.94
N ALA D 114 -5.71 -22.23 -6.60
CA ALA D 114 -4.35 -22.01 -7.07
C ALA D 114 -3.40 -23.08 -6.55
N VAL D 115 -3.50 -23.42 -5.26
CA VAL D 115 -2.65 -24.46 -4.66
C VAL D 115 -2.89 -25.80 -5.37
N SER D 116 -4.14 -26.11 -5.68
CA SER D 116 -4.44 -27.35 -6.39
C SER D 116 -3.72 -27.37 -7.72
N GLU D 117 -3.82 -26.29 -8.49
CA GLU D 117 -3.22 -26.34 -9.82
C GLU D 117 -1.70 -26.29 -9.80
N GLY D 118 -1.12 -25.56 -8.84
CA GLY D 118 0.33 -25.53 -8.75
C GLY D 118 0.91 -26.85 -8.29
N THR D 119 0.31 -27.45 -7.24
CA THR D 119 0.76 -28.76 -6.79
C THR D 119 0.63 -29.80 -7.89
N LYS D 120 -0.55 -29.84 -8.54
CA LYS D 120 -0.76 -30.77 -9.64
C LYS D 120 0.28 -30.60 -10.74
N ALA D 121 0.60 -29.34 -11.10
CA ALA D 121 1.61 -29.11 -12.13
C ALA D 121 3.00 -29.57 -11.68
N VAL D 122 3.31 -29.41 -10.40
CA VAL D 122 4.62 -29.82 -9.92
C VAL D 122 4.75 -31.34 -9.93
N THR D 123 3.77 -32.04 -9.33
CA THR D 123 3.85 -33.50 -9.29
C THR D 123 3.85 -34.09 -10.69
N LYS D 124 3.05 -33.53 -11.61
CA LYS D 124 3.12 -34.00 -12.98
C LYS D 124 4.50 -33.74 -13.58
N TYR D 125 5.10 -32.60 -13.25
CA TYR D 125 6.38 -32.24 -13.86
C TYR D 125 7.51 -33.19 -13.42
N THR D 126 7.53 -33.61 -12.16
CA THR D 126 8.66 -34.43 -11.72
C THR D 126 8.65 -35.89 -12.28
N SER D 127 7.73 -36.26 -13.17
CA SER D 127 7.74 -37.62 -13.73
C SER D 127 7.75 -37.58 -15.26
N LYS E 41 -49.46 26.39 -25.01
CA LYS E 41 -48.70 25.23 -24.54
C LYS E 41 -47.47 25.63 -23.71
N LYS E 42 -47.30 24.96 -22.57
CA LYS E 42 -46.20 25.21 -21.64
C LYS E 42 -44.92 24.49 -22.11
N PRO E 43 -43.77 25.14 -22.05
CA PRO E 43 -42.52 24.46 -22.37
C PRO E 43 -42.23 23.36 -21.35
N HIS E 44 -41.82 22.20 -21.83
CA HIS E 44 -41.57 21.05 -20.96
C HIS E 44 -40.27 21.22 -20.19
N ARG E 45 -40.28 20.76 -18.94
CA ARG E 45 -39.18 21.04 -18.02
C ARG E 45 -39.13 19.94 -16.97
N TYR E 46 -38.05 19.17 -16.97
CA TYR E 46 -37.87 18.13 -15.96
C TYR E 46 -37.66 18.74 -14.57
N ARG E 47 -37.89 17.94 -13.57
CA ARG E 47 -37.74 18.41 -12.20
C ARG E 47 -36.29 18.28 -11.75
N PRO E 48 -35.85 19.11 -10.78
CA PRO E 48 -34.44 19.09 -10.35
C PRO E 48 -34.01 17.73 -9.79
N GLY E 49 -33.19 17.01 -10.55
CA GLY E 49 -32.71 15.69 -10.16
C GLY E 49 -33.05 14.59 -11.13
N THR E 50 -34.04 14.81 -12.00
CA THR E 50 -34.34 13.84 -13.03
C THR E 50 -33.17 13.69 -14.00
N VAL E 51 -32.66 14.83 -14.49
CA VAL E 51 -31.55 14.80 -15.45
C VAL E 51 -30.27 14.34 -14.77
N ALA E 52 -30.07 14.72 -13.50
CA ALA E 52 -28.90 14.28 -12.76
C ALA E 52 -28.86 12.75 -12.70
N LEU E 53 -29.96 12.13 -12.29
CA LEU E 53 -30.01 10.67 -12.19
C LEU E 53 -29.84 10.03 -13.55
N ARG E 54 -30.43 10.64 -14.58
CA ARG E 54 -30.19 10.18 -15.94
C ARG E 54 -28.69 10.14 -16.27
N GLU E 55 -27.95 11.16 -15.83
CA GLU E 55 -26.53 11.22 -16.14
C GLU E 55 -25.73 10.23 -15.30
N ILE E 56 -26.11 10.05 -14.04
CA ILE E 56 -25.50 8.97 -13.24
C ILE E 56 -25.58 7.65 -14.00
N ARG E 57 -26.80 7.27 -14.42
CA ARG E 57 -26.95 6.01 -15.16
C ARG E 57 -26.08 5.99 -16.41
N ARG E 58 -26.07 7.11 -17.14
CA ARG E 58 -25.39 7.16 -18.43
C ARG E 58 -23.89 6.95 -18.27
N TYR E 59 -23.26 7.73 -17.39
CA TYR E 59 -21.81 7.67 -17.27
C TYR E 59 -21.34 6.47 -16.46
N GLN E 60 -22.16 5.99 -15.53
CA GLN E 60 -21.85 4.72 -14.87
C GLN E 60 -21.93 3.57 -15.84
N LYS E 61 -22.65 3.74 -16.94
CA LYS E 61 -22.72 2.73 -17.98
C LYS E 61 -21.50 2.76 -18.90
N SER E 62 -20.83 3.90 -19.00
CA SER E 62 -19.79 4.09 -20.00
C SER E 62 -18.40 4.07 -19.35
N THR E 63 -17.36 4.16 -20.18
CA THR E 63 -16.00 4.15 -19.67
C THR E 63 -15.10 5.19 -20.34
N GLU E 64 -15.63 6.10 -21.14
CA GLU E 64 -14.75 7.05 -21.80
C GLU E 64 -14.18 8.03 -20.77
N LEU E 65 -13.07 8.67 -21.14
CA LEU E 65 -12.50 9.69 -20.27
C LEU E 65 -13.39 10.92 -20.25
N LEU E 66 -13.53 11.51 -19.08
CA LEU E 66 -14.52 12.57 -18.90
C LEU E 66 -13.92 13.96 -18.96
N ILE E 67 -12.60 14.10 -18.77
CA ILE E 67 -11.89 15.37 -18.96
C ILE E 67 -11.47 15.46 -20.43
N ARG E 68 -11.49 16.67 -21.01
CA ARG E 68 -11.03 16.80 -22.39
C ARG E 68 -9.54 16.51 -22.47
N LYS E 69 -9.13 15.93 -23.59
CA LYS E 69 -7.76 15.46 -23.73
C LYS E 69 -6.76 16.62 -23.70
N LEU E 70 -7.00 17.65 -24.49
CA LEU E 70 -5.98 18.69 -24.63
C LEU E 70 -5.84 19.54 -23.36
N PRO E 71 -6.93 19.97 -22.72
CA PRO E 71 -6.76 20.63 -21.41
C PRO E 71 -5.95 19.79 -20.44
N PHE E 72 -6.21 18.48 -20.41
CA PHE E 72 -5.47 17.61 -19.51
C PHE E 72 -4.00 17.56 -19.88
N GLN E 73 -3.68 17.50 -21.17
CA GLN E 73 -2.27 17.53 -21.58
C GLN E 73 -1.57 18.81 -21.13
N ARG E 74 -2.23 19.96 -21.32
CA ARG E 74 -1.61 21.20 -20.87
C ARG E 74 -1.37 21.18 -19.36
N LEU E 75 -2.35 20.69 -18.59
CA LEU E 75 -2.16 20.57 -17.14
C LEU E 75 -0.94 19.71 -16.80
N VAL E 76 -0.85 18.53 -17.42
CA VAL E 76 0.25 17.61 -17.12
C VAL E 76 1.59 18.26 -17.45
N ARG E 77 1.69 18.84 -18.65
CA ARG E 77 2.92 19.47 -19.09
C ARG E 77 3.31 20.66 -18.22
N GLU E 78 2.32 21.45 -17.77
CA GLU E 78 2.64 22.59 -16.92
C GLU E 78 3.25 22.12 -15.61
N ILE E 79 2.61 21.14 -14.96
CA ILE E 79 3.14 20.58 -13.72
C ILE E 79 4.55 20.01 -13.94
N ALA E 80 4.72 19.20 -14.99
CA ALA E 80 6.03 18.61 -15.24
C ALA E 80 7.09 19.69 -15.43
N GLN E 81 6.83 20.63 -16.35
CA GLN E 81 7.63 21.83 -16.58
C GLN E 81 8.06 22.49 -15.27
N ASP E 82 7.17 22.54 -14.28
CA ASP E 82 7.62 23.09 -13.01
C ASP E 82 8.59 22.15 -12.29
N PHE E 83 8.57 20.85 -12.59
CA PHE E 83 9.60 20.00 -11.97
C PHE E 83 10.92 19.96 -12.76
N LYS E 84 10.87 19.75 -14.08
CA LYS E 84 12.08 19.75 -14.89
C LYS E 84 11.76 20.31 -16.26
N THR E 85 12.57 21.25 -16.72
CA THR E 85 12.25 21.95 -17.96
C THR E 85 12.48 21.05 -19.18
N ASP E 86 11.79 21.40 -20.27
CA ASP E 86 12.00 20.81 -21.59
C ASP E 86 11.73 19.32 -21.63
N LEU E 87 10.83 18.83 -20.80
CA LEU E 87 10.49 17.42 -20.82
C LEU E 87 9.60 17.10 -22.02
N ARG E 88 9.82 15.94 -22.61
CA ARG E 88 8.88 15.41 -23.57
C ARG E 88 8.00 14.34 -22.89
N PHE E 89 7.08 13.77 -23.66
CA PHE E 89 6.08 12.86 -23.12
C PHE E 89 5.68 11.88 -24.21
N GLN E 90 5.72 10.60 -23.91
CA GLN E 90 5.02 9.64 -24.74
C GLN E 90 3.53 9.92 -24.61
N SER E 91 2.79 9.76 -25.71
CA SER E 91 1.34 10.01 -25.61
C SER E 91 0.72 9.07 -24.60
N ALA E 92 1.22 7.84 -24.53
CA ALA E 92 0.69 6.87 -23.56
C ALA E 92 1.02 7.29 -22.12
N ALA E 93 2.08 8.07 -21.89
CA ALA E 93 2.30 8.60 -20.55
C ALA E 93 1.16 9.53 -20.12
N ILE E 94 0.75 10.46 -21.01
CA ILE E 94 -0.38 11.32 -20.70
C ILE E 94 -1.65 10.48 -20.54
N GLY E 95 -1.85 9.50 -21.42
CA GLY E 95 -3.02 8.64 -21.29
C GLY E 95 -3.07 7.92 -19.96
N ALA E 96 -1.95 7.34 -19.55
CA ALA E 96 -1.86 6.69 -18.23
C ALA E 96 -2.24 7.67 -17.12
N LEU E 97 -1.65 8.87 -17.13
CA LEU E 97 -1.98 9.85 -16.11
C LEU E 97 -3.46 10.20 -16.11
N GLN E 98 -4.08 10.34 -17.29
CA GLN E 98 -5.50 10.65 -17.30
C GLN E 98 -6.34 9.51 -16.76
N GLU E 99 -6.03 8.27 -17.15
CA GLU E 99 -6.78 7.13 -16.65
C GLU E 99 -6.68 7.05 -15.12
N ALA E 100 -5.47 7.22 -14.58
CA ALA E 100 -5.32 7.17 -13.13
C ALA E 100 -6.01 8.35 -12.45
N SER E 101 -5.84 9.56 -12.98
CA SER E 101 -6.46 10.74 -12.36
C SER E 101 -7.97 10.62 -12.34
N GLU E 102 -8.56 10.17 -13.45
CA GLU E 102 -10.00 10.10 -13.54
C GLU E 102 -10.54 8.99 -12.65
N ALA E 103 -9.83 7.85 -12.58
CA ALA E 103 -10.23 6.79 -11.68
C ALA E 103 -10.19 7.28 -10.23
N TYR E 104 -9.13 8.02 -9.88
CA TYR E 104 -8.98 8.56 -8.54
C TYR E 104 -10.11 9.54 -8.20
N LEU E 105 -10.42 10.45 -9.12
CA LEU E 105 -11.46 11.43 -8.83
C LEU E 105 -12.84 10.79 -8.72
N VAL E 106 -13.17 9.87 -9.62
CA VAL E 106 -14.43 9.12 -9.51
C VAL E 106 -14.53 8.43 -8.16
N GLY E 107 -13.43 7.78 -7.72
CA GLY E 107 -13.48 7.07 -6.43
C GLY E 107 -13.62 8.01 -5.24
N LEU E 108 -12.90 9.12 -5.27
CA LEU E 108 -13.06 10.14 -4.23
C LEU E 108 -14.45 10.74 -4.25
N PHE E 109 -15.06 10.86 -5.43
CA PHE E 109 -16.43 11.35 -5.50
C PHE E 109 -17.40 10.35 -4.89
N GLU E 110 -17.19 9.05 -5.15
CA GLU E 110 -17.91 8.01 -4.44
C GLU E 110 -17.88 8.23 -2.93
N ASP E 111 -16.66 8.32 -2.35
CA ASP E 111 -16.58 8.44 -0.90
C ASP E 111 -17.16 9.76 -0.41
N THR E 112 -16.95 10.83 -1.18
CA THR E 112 -17.56 12.13 -0.87
C THR E 112 -19.08 12.01 -0.77
N ASN E 113 -19.69 11.33 -1.74
CA ASN E 113 -21.14 11.18 -1.72
C ASN E 113 -21.60 10.35 -0.54
N LEU E 114 -20.85 9.28 -0.18
CA LEU E 114 -21.16 8.56 1.04
C LEU E 114 -21.14 9.48 2.25
N CYS E 115 -20.17 10.39 2.31
CA CYS E 115 -20.09 11.32 3.43
C CYS E 115 -21.27 12.28 3.44
N ALA E 116 -21.66 12.79 2.27
CA ALA E 116 -22.78 13.70 2.18
C ALA E 116 -24.07 13.02 2.64
N ILE E 117 -24.26 11.77 2.21
CA ILE E 117 -25.44 11.03 2.60
C ILE E 117 -25.42 10.70 4.09
N HIS E 118 -24.23 10.61 4.69
CA HIS E 118 -24.14 10.34 6.12
C HIS E 118 -24.67 11.52 6.95
N ALA E 119 -24.46 12.75 6.48
CA ALA E 119 -24.95 13.94 7.16
C ALA E 119 -26.36 14.33 6.71
N LYS E 120 -27.12 13.35 6.20
CA LYS E 120 -28.50 13.57 5.75
C LYS E 120 -28.58 14.69 4.71
N ARG E 121 -27.63 14.69 3.79
CA ARG E 121 -27.66 15.59 2.64
C ARG E 121 -27.60 14.80 1.34
N VAL E 122 -28.06 15.47 0.29
CA VAL E 122 -27.96 14.97 -1.08
C VAL E 122 -26.93 15.77 -1.88
N THR E 123 -26.52 16.93 -1.39
CA THR E 123 -25.54 17.79 -2.03
C THR E 123 -24.16 17.51 -1.44
N ILE E 124 -23.17 17.19 -2.31
CA ILE E 124 -21.79 17.07 -1.84
C ILE E 124 -21.17 18.46 -1.72
N MET E 125 -20.40 18.66 -0.68
CA MET E 125 -19.78 19.93 -0.32
C MET E 125 -18.29 19.75 -0.03
N PRO E 126 -17.51 20.83 -0.09
CA PRO E 126 -16.07 20.71 0.19
C PRO E 126 -15.72 19.99 1.50
N LYS E 127 -16.49 20.23 2.57
CA LYS E 127 -16.24 19.51 3.81
C LYS E 127 -16.33 18.00 3.62
N ASP E 128 -17.14 17.55 2.65
CA ASP E 128 -17.26 16.12 2.35
C ASP E 128 -15.99 15.58 1.72
N ILE E 129 -15.43 16.28 0.73
CA ILE E 129 -14.17 15.85 0.15
C ILE E 129 -13.08 15.84 1.21
N GLN E 130 -13.00 16.91 2.02
CA GLN E 130 -11.93 16.97 3.01
C GLN E 130 -12.03 15.79 3.97
N LEU E 131 -13.24 15.46 4.40
CA LEU E 131 -13.39 14.35 5.32
C LEU E 131 -13.04 13.02 4.66
N ALA E 132 -13.48 12.82 3.42
CA ALA E 132 -13.20 11.57 2.73
C ALA E 132 -11.69 11.39 2.54
N ARG E 133 -11.01 12.42 2.06
CA ARG E 133 -9.57 12.36 1.93
C ARG E 133 -8.89 12.12 3.27
N ARG E 134 -9.43 12.72 4.34
CA ARG E 134 -8.85 12.53 5.67
C ARG E 134 -8.95 11.08 6.11
N ILE E 135 -10.14 10.48 6.03
CA ILE E 135 -10.29 9.07 6.41
C ILE E 135 -9.48 8.16 5.51
N ARG E 136 -9.31 8.53 4.24
CA ARG E 136 -8.55 7.71 3.30
C ARG E 136 -7.05 7.67 3.61
N GLY E 137 -6.54 8.61 4.40
CA GLY E 137 -5.13 8.70 4.69
C GLY E 137 -4.42 9.86 4.03
N GLU E 138 -5.05 10.51 3.05
CA GLU E 138 -4.36 11.55 2.30
C GLU E 138 -4.10 12.82 3.12
N ARG E 139 -4.87 13.07 4.18
CA ARG E 139 -4.76 14.34 4.88
C ARG E 139 -4.96 14.18 6.39
N ALA E 140 -4.39 15.14 7.12
CA ALA E 140 -4.45 15.24 8.59
C ALA E 140 -3.96 13.94 9.26
N HIS F 22 10.22 27.14 -26.43
CA HIS F 22 9.86 27.36 -27.82
C HIS F 22 8.39 27.02 -28.06
N ARG F 23 7.59 27.07 -27.00
CA ARG F 23 6.15 27.01 -27.09
C ARG F 23 5.57 27.99 -26.10
N LYS F 24 4.38 28.51 -26.41
CA LYS F 24 3.70 29.46 -25.53
C LYS F 24 3.63 28.90 -24.11
N VAL F 25 4.07 29.71 -23.14
CA VAL F 25 4.05 29.41 -21.72
C VAL F 25 2.74 28.72 -21.35
N LEU F 26 2.80 27.70 -20.52
CA LEU F 26 1.61 27.04 -20.00
C LEU F 26 1.32 27.61 -18.62
N ARG F 27 0.17 28.29 -18.49
CA ARG F 27 -0.25 28.92 -17.25
C ARG F 27 -1.68 28.55 -16.92
N ASP F 28 -1.96 28.41 -15.63
CA ASP F 28 -3.32 28.37 -15.10
C ASP F 28 -4.17 27.27 -15.73
N ASN F 29 -3.54 26.22 -16.24
CA ASN F 29 -4.26 25.19 -16.98
C ASN F 29 -5.18 24.33 -16.12
N ILE F 30 -5.04 24.35 -14.79
CA ILE F 30 -6.01 23.69 -13.95
C ILE F 30 -7.40 24.27 -14.10
N GLN F 31 -7.52 25.45 -14.70
CA GLN F 31 -8.83 26.00 -15.02
C GLN F 31 -9.41 25.44 -16.31
N GLY F 32 -8.61 24.78 -17.13
CA GLY F 32 -9.16 24.03 -18.23
C GLY F 32 -9.93 22.80 -17.81
N ILE F 33 -9.77 22.36 -16.57
CA ILE F 33 -10.60 21.27 -16.06
C ILE F 33 -11.96 21.86 -15.73
N THR F 34 -12.88 21.77 -16.69
CA THR F 34 -14.08 22.58 -16.70
C THR F 34 -15.09 22.11 -15.65
N LYS F 35 -16.05 23.00 -15.39
CA LYS F 35 -17.17 22.65 -14.53
C LYS F 35 -17.96 21.45 -15.05
N PRO F 36 -18.36 21.37 -16.33
CA PRO F 36 -19.05 20.17 -16.80
C PRO F 36 -18.25 18.87 -16.73
N ALA F 37 -16.93 18.90 -16.92
CA ALA F 37 -16.15 17.67 -16.81
C ALA F 37 -16.12 17.17 -15.36
N ILE F 38 -15.99 18.09 -14.41
CA ILE F 38 -15.98 17.70 -13.02
C ILE F 38 -17.34 17.15 -12.63
N ARG F 39 -18.42 17.80 -13.08
CA ARG F 39 -19.76 17.24 -12.87
C ARG F 39 -19.88 15.82 -13.45
N ARG F 40 -19.39 15.59 -14.68
CA ARG F 40 -19.43 14.25 -15.29
C ARG F 40 -18.72 13.22 -14.41
N LEU F 41 -17.52 13.56 -13.94
CA LEU F 41 -16.81 12.70 -12.99
C LEU F 41 -17.65 12.41 -11.75
N ALA F 42 -18.29 13.42 -11.19
CA ALA F 42 -19.09 13.17 -10.00
C ALA F 42 -20.31 12.31 -10.31
N ARG F 43 -20.83 12.38 -11.55
CA ARG F 43 -21.93 11.51 -11.97
C ARG F 43 -21.49 10.06 -12.01
N ARG F 44 -20.32 9.79 -12.61
CA ARG F 44 -19.82 8.41 -12.61
C ARG F 44 -19.61 7.91 -11.18
N GLY F 45 -19.32 8.82 -10.25
CA GLY F 45 -19.29 8.57 -8.83
C GLY F 45 -20.65 8.52 -8.15
N GLY F 46 -21.74 8.62 -8.91
CA GLY F 46 -23.07 8.54 -8.34
C GLY F 46 -23.55 9.74 -7.55
N VAL F 47 -23.04 10.94 -7.84
CA VAL F 47 -23.43 12.16 -7.14
C VAL F 47 -24.60 12.81 -7.87
N LYS F 48 -25.67 13.10 -7.14
CA LYS F 48 -26.87 13.69 -7.71
C LYS F 48 -26.87 15.21 -7.62
N ARG F 49 -26.32 15.79 -6.56
CA ARG F 49 -26.36 17.23 -6.38
C ARG F 49 -24.99 17.72 -5.93
N ILE F 50 -24.62 18.90 -6.41
CA ILE F 50 -23.24 19.37 -6.36
C ILE F 50 -23.21 20.80 -5.85
N SER F 51 -22.55 21.00 -4.70
CA SER F 51 -22.37 22.35 -4.17
C SER F 51 -21.50 23.16 -5.12
N GLY F 52 -21.79 24.45 -5.19
CA GLY F 52 -21.14 25.32 -6.15
C GLY F 52 -19.66 25.50 -5.92
N LEU F 53 -19.18 25.18 -4.71
CA LEU F 53 -17.76 25.27 -4.41
C LEU F 53 -16.97 23.95 -4.59
N ILE F 54 -17.57 22.85 -5.05
CA ILE F 54 -16.72 21.66 -5.20
C ILE F 54 -15.88 21.72 -6.47
N TYR F 55 -16.16 22.61 -7.41
CA TYR F 55 -15.30 22.68 -8.59
C TYR F 55 -13.90 23.17 -8.24
N GLU F 56 -13.79 24.23 -7.43
CA GLU F 56 -12.47 24.66 -7.02
C GLU F 56 -11.79 23.60 -6.16
N GLU F 57 -12.54 23.00 -5.23
CA GLU F 57 -11.97 21.99 -4.35
C GLU F 57 -11.43 20.82 -5.14
N THR F 58 -12.20 20.37 -6.14
CA THR F 58 -11.77 19.29 -7.01
C THR F 58 -10.52 19.68 -7.76
N ARG F 59 -10.46 20.93 -8.25
CA ARG F 59 -9.26 21.35 -8.98
C ARG F 59 -8.03 21.31 -8.08
N GLY F 60 -8.17 21.73 -6.82
CA GLY F 60 -7.05 21.65 -5.91
C GLY F 60 -6.63 20.23 -5.60
N VAL F 61 -7.60 19.33 -5.40
CA VAL F 61 -7.27 17.94 -5.11
C VAL F 61 -6.60 17.30 -6.33
N LEU F 62 -7.16 17.52 -7.51
CA LEU F 62 -6.55 17.01 -8.73
C LEU F 62 -5.14 17.54 -8.91
N LYS F 63 -4.89 18.79 -8.51
CA LYS F 63 -3.56 19.34 -8.69
C LYS F 63 -2.56 18.68 -7.76
N VAL F 64 -2.95 18.44 -6.51
CA VAL F 64 -2.02 17.75 -5.62
C VAL F 64 -1.76 16.33 -6.10
N PHE F 65 -2.80 15.64 -6.56
CA PHE F 65 -2.62 14.28 -7.10
C PHE F 65 -1.62 14.27 -8.25
N LEU F 66 -1.85 15.10 -9.26
CA LEU F 66 -0.96 15.12 -10.41
C LEU F 66 0.45 15.56 -10.01
N GLU F 67 0.57 16.54 -9.13
CA GLU F 67 1.89 16.90 -8.61
C GLU F 67 2.61 15.69 -8.04
N ASN F 68 1.95 14.91 -7.18
CA ASN F 68 2.62 13.77 -6.56
C ASN F 68 3.05 12.71 -7.60
N VAL F 69 2.12 12.31 -8.48
CA VAL F 69 2.45 11.24 -9.43
C VAL F 69 3.52 11.73 -10.40
N ILE F 70 3.33 12.93 -10.95
CA ILE F 70 4.24 13.45 -11.96
C ILE F 70 5.62 13.67 -11.35
N ARG F 71 5.67 14.20 -10.12
CA ARG F 71 6.95 14.32 -9.41
C ARG F 71 7.71 13.00 -9.43
N ASP F 72 7.08 11.92 -8.94
CA ASP F 72 7.80 10.64 -8.90
C ASP F 72 8.18 10.17 -10.29
N ALA F 73 7.25 10.26 -11.26
CA ALA F 73 7.55 9.76 -12.60
C ALA F 73 8.71 10.51 -13.21
N VAL F 74 8.72 11.82 -13.08
CA VAL F 74 9.84 12.63 -13.55
C VAL F 74 11.13 12.21 -12.86
N THR F 75 11.06 11.86 -11.57
CA THR F 75 12.27 11.35 -10.91
C THR F 75 12.78 10.09 -11.61
N TYR F 76 11.87 9.17 -11.98
CA TYR F 76 12.30 8.00 -12.72
C TYR F 76 12.88 8.39 -14.08
N THR F 77 12.32 9.41 -14.71
CA THR F 77 12.85 9.90 -15.98
C THR F 77 14.28 10.41 -15.81
N GLU F 78 14.49 11.28 -14.83
CA GLU F 78 15.80 11.85 -14.57
C GLU F 78 16.82 10.76 -14.26
N HIS F 79 16.44 9.79 -13.45
CA HIS F 79 17.40 8.76 -13.08
C HIS F 79 17.81 7.90 -14.27
N ALA F 80 16.91 7.66 -15.21
CA ALA F 80 17.26 6.97 -16.45
C ALA F 80 17.98 7.86 -17.46
N LYS F 81 18.32 9.09 -17.04
CA LYS F 81 19.02 10.07 -17.87
C LYS F 81 18.27 10.33 -19.18
N ARG F 82 16.95 10.40 -19.10
CA ARG F 82 16.10 10.64 -20.26
C ARG F 82 15.51 12.04 -20.23
N LYS F 83 15.08 12.50 -21.40
CA LYS F 83 14.32 13.74 -21.50
C LYS F 83 12.87 13.48 -21.88
N THR F 84 12.44 12.23 -21.85
CA THR F 84 11.09 11.84 -22.23
C THR F 84 10.48 11.01 -21.11
N VAL F 85 9.35 11.47 -20.58
CA VAL F 85 8.57 10.67 -19.64
C VAL F 85 7.85 9.56 -20.42
N THR F 86 8.12 8.32 -20.05
CA THR F 86 7.45 7.17 -20.65
C THR F 86 6.23 6.75 -19.85
N ALA F 87 5.43 5.87 -20.45
CA ALA F 87 4.31 5.29 -19.73
C ALA F 87 4.80 4.48 -18.53
N MET F 88 5.95 3.81 -18.67
CA MET F 88 6.48 3.04 -17.55
C MET F 88 6.85 3.94 -16.38
N ASP F 89 7.43 5.11 -16.64
CA ASP F 89 7.70 6.06 -15.57
C ASP F 89 6.45 6.34 -14.77
N VAL F 90 5.34 6.59 -15.48
CA VAL F 90 4.08 6.90 -14.80
C VAL F 90 3.54 5.66 -14.09
N VAL F 91 3.68 4.49 -14.70
CA VAL F 91 3.18 3.27 -14.08
C VAL F 91 3.91 3.00 -12.78
N TYR F 92 5.23 3.18 -12.80
CA TYR F 92 6.03 3.04 -11.58
C TYR F 92 5.62 4.06 -10.53
N ALA F 93 5.48 5.33 -10.94
CA ALA F 93 5.03 6.35 -9.99
C ALA F 93 3.71 5.94 -9.33
N LEU F 94 2.75 5.49 -10.14
CA LEU F 94 1.46 5.07 -9.61
C LEU F 94 1.59 3.89 -8.67
N LYS F 95 2.41 2.90 -9.05
CA LYS F 95 2.53 1.72 -8.20
C LYS F 95 3.12 2.07 -6.84
N ARG F 96 4.12 2.95 -6.81
CA ARG F 96 4.73 3.17 -5.51
C ARG F 96 3.90 4.13 -4.67
N GLN F 97 2.91 4.79 -5.25
CA GLN F 97 1.95 5.51 -4.43
C GLN F 97 0.66 4.70 -4.14
N GLY F 98 0.74 3.37 -4.23
CA GLY F 98 -0.38 2.51 -3.94
C GLY F 98 -1.54 2.63 -4.92
N ARG F 99 -1.27 2.94 -6.19
CA ARG F 99 -2.33 3.17 -7.14
C ARG F 99 -2.01 2.48 -8.47
N THR F 100 -1.78 1.17 -8.40
CA THR F 100 -1.43 0.35 -9.57
C THR F 100 -2.42 0.49 -10.71
N LEU F 101 -1.90 0.84 -11.88
CA LEU F 101 -2.64 0.99 -13.13
C LEU F 101 -2.35 -0.20 -14.04
N TYR F 102 -3.40 -0.77 -14.64
CA TYR F 102 -3.24 -1.83 -15.62
C TYR F 102 -3.47 -1.29 -17.02
N GLY F 103 -2.71 -1.80 -17.98
CA GLY F 103 -2.97 -1.54 -19.38
C GLY F 103 -1.98 -0.64 -20.06
N PHE F 104 -0.84 -0.33 -19.43
CA PHE F 104 0.10 0.62 -20.01
C PHE F 104 1.54 0.13 -19.96
N GLY F 105 1.78 -1.17 -19.84
CA GLY F 105 3.13 -1.69 -19.83
C GLY F 105 3.48 -2.53 -21.04
N GLY F 106 2.59 -2.60 -22.04
CA GLY F 106 2.82 -3.40 -23.22
C GLY F 106 1.52 -3.63 -23.97
N ALA G 18 44.87 1.12 11.20
CA ALA G 18 43.70 0.84 10.38
C ALA G 18 42.45 1.52 10.96
N LYS G 19 41.68 2.14 10.08
CA LYS G 19 40.41 2.77 10.42
C LYS G 19 39.28 2.19 9.56
N THR G 20 38.09 2.15 10.15
CA THR G 20 36.90 1.66 9.47
C THR G 20 36.39 2.65 8.42
N ARG G 21 35.57 2.15 7.50
CA ARG G 21 34.94 3.00 6.50
C ARG G 21 33.96 4.01 7.12
N SER G 22 33.31 3.63 8.22
CA SER G 22 32.48 4.60 8.96
C SER G 22 33.30 5.81 9.41
N SER G 23 34.49 5.56 9.96
CA SER G 23 35.37 6.67 10.34
C SER G 23 35.76 7.51 9.14
N ARG G 24 36.18 6.86 8.05
CA ARG G 24 36.58 7.60 6.85
C ARG G 24 35.46 8.49 6.34
N ALA G 25 34.21 8.03 6.41
CA ALA G 25 33.07 8.80 5.90
C ALA G 25 32.49 9.77 6.92
N GLY G 26 32.97 9.71 8.17
CA GLY G 26 32.54 10.63 9.19
C GLY G 26 31.24 10.22 9.85
N LEU G 27 31.04 8.93 10.07
CA LEU G 27 29.74 8.40 10.47
C LEU G 27 29.87 7.52 11.71
N GLN G 28 28.79 7.50 12.48
CA GLN G 28 28.63 6.55 13.56
C GLN G 28 28.01 5.25 13.07
N PHE G 29 27.13 5.32 12.07
CA PHE G 29 26.46 4.13 11.57
C PHE G 29 27.42 3.25 10.77
N PRO G 30 27.20 1.95 10.77
CA PRO G 30 28.23 1.03 10.29
C PRO G 30 28.20 0.82 8.79
N VAL G 31 29.22 1.33 8.10
CA VAL G 31 29.25 1.19 6.65
C VAL G 31 29.49 -0.26 6.25
N GLY G 32 30.40 -0.95 6.93
CA GLY G 32 30.65 -2.33 6.58
C GLY G 32 29.43 -3.21 6.74
N ARG G 33 28.69 -3.02 7.84
CA ARG G 33 27.48 -3.79 8.08
C ARG G 33 26.40 -3.47 7.05
N VAL G 34 26.15 -2.18 6.80
CA VAL G 34 25.16 -1.77 5.81
C VAL G 34 25.49 -2.38 4.44
N HIS G 35 26.78 -2.42 4.11
CA HIS G 35 27.24 -2.99 2.85
C HIS G 35 26.99 -4.49 2.79
N ARG G 36 27.32 -5.21 3.86
CA ARG G 36 27.04 -6.64 3.91
C ARG G 36 25.54 -6.91 3.80
N LEU G 37 24.72 -6.12 4.49
CA LEU G 37 23.27 -6.31 4.42
C LEU G 37 22.74 -6.01 3.02
N LEU G 38 23.37 -5.09 2.28
CA LEU G 38 23.01 -4.88 0.89
C LEU G 38 23.39 -6.08 0.02
N ARG G 39 24.59 -6.63 0.22
CA ARG G 39 25.02 -7.81 -0.53
C ARG G 39 24.12 -9.01 -0.27
N LYS G 40 23.80 -9.27 1.00
CA LYS G 40 23.08 -10.47 1.42
C LYS G 40 21.57 -10.34 1.28
N GLY G 41 21.05 -9.17 0.96
CA GLY G 41 19.62 -8.93 0.91
C GLY G 41 18.96 -9.19 -0.41
N ASN G 42 19.70 -9.66 -1.41
CA ASN G 42 19.17 -9.93 -2.74
C ASN G 42 18.66 -8.66 -3.41
N TYR G 43 19.43 -7.60 -3.34
CA TYR G 43 18.95 -6.37 -3.94
C TYR G 43 19.49 -6.14 -5.33
N SER G 44 20.74 -6.55 -5.58
CA SER G 44 21.32 -6.44 -6.89
C SER G 44 22.53 -7.35 -6.94
N GLU G 45 22.98 -7.66 -8.15
CA GLU G 45 24.15 -8.51 -8.31
C GLU G 45 25.39 -7.88 -7.69
N ARG G 46 25.51 -6.56 -7.80
CA ARG G 46 26.69 -5.84 -7.36
C ARG G 46 26.27 -4.60 -6.58
N VAL G 47 27.18 -4.15 -5.72
CA VAL G 47 26.94 -3.00 -4.84
C VAL G 47 28.17 -2.10 -4.93
N GLY G 48 27.96 -0.83 -5.33
CA GLY G 48 29.08 0.09 -5.44
C GLY G 48 29.67 0.48 -4.11
N ALA G 49 30.89 1.04 -4.16
CA ALA G 49 31.57 1.42 -2.93
C ALA G 49 30.83 2.52 -2.17
N GLY G 50 30.22 3.46 -2.88
CA GLY G 50 29.57 4.56 -2.21
C GLY G 50 28.15 4.32 -1.77
N ALA G 51 27.53 3.25 -2.26
CA ALA G 51 26.15 2.98 -1.90
C ALA G 51 25.98 2.76 -0.40
N PRO G 52 26.72 1.87 0.26
CA PRO G 52 26.53 1.70 1.70
C PRO G 52 26.91 2.93 2.51
N VAL G 53 27.93 3.68 2.09
CA VAL G 53 28.26 4.93 2.73
C VAL G 53 27.06 5.88 2.68
N TYR G 54 26.53 6.10 1.48
CA TYR G 54 25.37 6.98 1.32
C TYR G 54 24.21 6.52 2.21
N LEU G 55 23.86 5.24 2.09
CA LEU G 55 22.73 4.68 2.83
C LEU G 55 22.92 4.78 4.33
N ALA G 56 24.11 4.43 4.82
CA ALA G 56 24.40 4.56 6.25
C ALA G 56 24.25 6.01 6.69
N ALA G 57 24.66 6.95 5.84
CA ALA G 57 24.55 8.36 6.22
C ALA G 57 23.09 8.78 6.33
N VAL G 58 22.28 8.45 5.33
CA VAL G 58 20.85 8.76 5.38
C VAL G 58 20.23 8.19 6.65
N LEU G 59 20.56 6.93 6.96
CA LEU G 59 19.99 6.31 8.16
C LEU G 59 20.38 7.06 9.42
N GLU G 60 21.68 7.34 9.58
CA GLU G 60 22.10 8.12 10.75
C GLU G 60 21.43 9.48 10.80
N TYR G 61 21.15 10.09 9.64
CA TYR G 61 20.48 11.39 9.66
C TYR G 61 19.06 11.27 10.19
N LEU G 62 18.28 10.33 9.65
CA LEU G 62 16.90 10.19 10.11
C LEU G 62 16.86 9.83 11.59
N THR G 63 17.77 8.95 12.03
CA THR G 63 17.90 8.64 13.46
C THR G 63 18.22 9.88 14.28
N ALA G 64 19.16 10.71 13.80
CA ALA G 64 19.50 11.93 14.51
C ALA G 64 18.29 12.85 14.64
N GLU G 65 17.47 12.93 13.59
CA GLU G 65 16.30 13.80 13.61
C GLU G 65 15.28 13.31 14.63
N ILE G 66 15.08 11.99 14.70
CA ILE G 66 14.06 11.47 15.61
C ILE G 66 14.56 11.55 17.04
N LEU G 67 15.83 11.22 17.28
CA LEU G 67 16.38 11.33 18.62
C LEU G 67 16.39 12.77 19.09
N GLU G 68 16.64 13.71 18.18
CA GLU G 68 16.51 15.13 18.45
C GLU G 68 15.13 15.46 19.00
N LEU G 69 14.11 15.33 18.14
CA LEU G 69 12.76 15.68 18.57
C LEU G 69 12.32 14.87 19.79
N ALA G 70 12.77 13.63 19.90
CA ALA G 70 12.33 12.76 20.98
C ALA G 70 12.93 13.19 22.32
N GLY G 71 14.20 13.60 22.32
CA GLY G 71 14.77 14.23 23.51
C GLY G 71 14.05 15.50 23.90
N ASN G 72 13.75 16.34 22.91
CA ASN G 72 12.92 17.51 23.15
C ASN G 72 11.61 17.14 23.85
N ALA G 73 10.85 16.21 23.28
CA ALA G 73 9.59 15.79 23.90
C ALA G 73 9.80 15.21 25.29
N ALA G 74 10.90 14.47 25.49
CA ALA G 74 11.14 13.86 26.79
C ALA G 74 11.39 14.92 27.85
N ARG G 75 12.08 15.99 27.47
CA ARG G 75 12.36 17.05 28.43
C ARG G 75 11.18 18.00 28.62
N ASP G 76 10.32 18.17 27.60
CA ASP G 76 9.08 18.89 27.85
C ASP G 76 8.16 18.17 28.85
N ASN G 77 8.29 16.87 29.03
CA ASN G 77 7.63 16.16 30.11
C ASN G 77 8.61 15.98 31.27
N LYS G 78 9.70 16.75 31.21
CA LYS G 78 10.75 16.77 32.22
C LYS G 78 11.13 15.36 32.65
N LYS G 79 11.39 14.52 31.65
CA LYS G 79 11.95 13.20 31.89
C LYS G 79 13.32 13.14 31.26
N THR G 80 14.25 12.43 31.91
CA THR G 80 15.60 12.39 31.40
C THR G 80 15.85 11.23 30.44
N ARG G 81 14.91 10.29 30.30
CA ARG G 81 15.10 9.13 29.44
C ARG G 81 13.97 9.01 28.43
N ILE G 82 14.35 8.79 27.16
CA ILE G 82 13.41 8.66 26.04
C ILE G 82 12.74 7.29 26.09
N ILE G 83 11.42 7.27 26.06
CA ILE G 83 10.62 6.04 26.00
C ILE G 83 9.73 6.08 24.76
N PRO G 84 9.09 4.97 24.37
CA PRO G 84 8.24 5.01 23.17
C PRO G 84 7.27 6.16 23.14
N ARG G 85 6.73 6.55 24.28
CA ARG G 85 5.80 7.68 24.30
C ARG G 85 6.42 8.92 23.66
N HIS G 86 7.68 9.20 23.97
CA HIS G 86 8.35 10.37 23.42
C HIS G 86 8.58 10.23 21.93
N LEU G 87 8.93 9.01 21.47
CA LEU G 87 9.06 8.76 20.05
C LEU G 87 7.75 9.01 19.32
N GLN G 88 6.64 8.54 19.89
CA GLN G 88 5.32 8.76 19.30
C GLN G 88 5.00 10.25 19.22
N LEU G 89 5.18 10.97 20.32
CA LEU G 89 4.92 12.41 20.33
C LEU G 89 5.77 13.13 19.28
N ALA G 90 7.07 12.83 19.25
CA ALA G 90 7.98 13.50 18.34
C ALA G 90 7.60 13.23 16.89
N ILE G 91 7.34 11.96 16.56
CA ILE G 91 7.01 11.58 15.19
C ILE G 91 5.69 12.23 14.75
N ARG G 92 4.66 12.15 15.61
CA ARG G 92 3.33 12.62 15.20
C ARG G 92 3.22 14.13 15.14
N ASN G 93 3.95 14.86 16.00
CA ASN G 93 3.87 16.32 15.97
C ASN G 93 4.72 16.93 14.87
N ASP G 94 5.51 16.14 14.16
CA ASP G 94 6.26 16.56 12.99
C ASP G 94 5.53 16.10 11.75
N GLU G 95 5.16 17.04 10.87
CA GLU G 95 4.41 16.66 9.68
C GLU G 95 5.17 15.66 8.82
N GLU G 96 6.48 15.81 8.71
CA GLU G 96 7.22 14.99 7.76
C GLU G 96 7.55 13.62 8.36
N LEU G 97 8.05 13.59 9.59
CA LEU G 97 8.21 12.31 10.26
C LEU G 97 6.88 11.56 10.31
N ASN G 98 5.77 12.28 10.42
CA ASN G 98 4.47 11.63 10.54
C ASN G 98 4.01 11.06 9.21
N LYS G 99 4.26 11.78 8.11
CA LYS G 99 3.86 11.28 6.80
C LYS G 99 4.77 10.13 6.36
N LEU G 100 6.05 10.17 6.75
CA LEU G 100 6.96 9.09 6.41
C LEU G 100 6.60 7.82 7.16
N LEU G 101 6.12 7.96 8.39
CA LEU G 101 5.77 6.82 9.23
C LEU G 101 4.26 6.74 9.44
N GLY G 102 3.50 7.11 8.40
CA GLY G 102 2.06 7.18 8.52
C GLY G 102 1.37 5.84 8.61
N ARG G 103 1.97 4.79 8.07
CA ARG G 103 1.44 3.43 8.19
C ARG G 103 2.21 2.60 9.19
N VAL G 104 2.68 3.21 10.27
CA VAL G 104 3.53 2.54 11.25
C VAL G 104 2.95 2.75 12.65
N THR G 105 2.84 1.67 13.39
CA THR G 105 2.40 1.70 14.79
C THR G 105 3.59 1.54 15.71
N ILE G 106 3.72 2.46 16.67
CA ILE G 106 4.75 2.42 17.71
C ILE G 106 4.17 1.77 18.98
N ALA G 107 4.68 0.59 19.31
CA ALA G 107 4.23 -0.13 20.51
C ALA G 107 4.49 0.70 21.77
N GLN G 108 3.49 0.75 22.63
CA GLN G 108 3.52 1.50 23.88
C GLN G 108 3.69 3.02 23.67
N GLY G 109 3.32 3.52 22.50
CA GLY G 109 3.43 4.94 22.23
C GLY G 109 2.16 5.73 22.48
N GLY G 110 1.01 5.05 22.48
CA GLY G 110 -0.21 5.77 22.64
C GLY G 110 -0.50 6.64 21.43
N VAL G 111 -1.37 7.63 21.65
CA VAL G 111 -1.82 8.53 20.60
C VAL G 111 -1.60 9.96 21.05
N LEU G 112 -1.75 10.87 20.10
CA LEU G 112 -1.61 12.29 20.40
C LEU G 112 -2.83 12.78 21.16
N PRO G 113 -2.65 13.54 22.25
CA PRO G 113 -3.80 14.20 22.87
C PRO G 113 -4.57 14.99 21.83
N ASN G 114 -5.84 14.65 21.60
CA ASN G 114 -6.62 15.35 20.59
C ASN G 114 -8.09 15.12 20.85
N ILE G 115 -8.77 16.16 21.34
CA ILE G 115 -10.22 16.21 21.52
C ILE G 115 -10.78 17.16 20.48
N GLN G 116 -11.72 16.68 19.68
CA GLN G 116 -12.41 17.54 18.72
C GLN G 116 -13.07 18.72 19.43
N ALA G 117 -12.94 19.91 18.84
CA ALA G 117 -13.45 21.14 19.45
C ALA G 117 -14.94 21.05 19.76
N VAL G 118 -15.74 20.51 18.83
CA VAL G 118 -17.19 20.44 18.98
C VAL G 118 -17.57 19.84 20.33
N LEU G 119 -16.68 19.03 20.91
CA LEU G 119 -16.94 18.40 22.20
C LEU G 119 -16.65 19.31 23.38
N LEU G 120 -16.03 20.47 23.15
CA LEU G 120 -15.72 21.37 24.26
C LEU G 120 -16.82 22.43 24.46
N SER H 36 24.44 -17.83 21.26
CA SER H 36 23.55 -17.21 20.29
C SER H 36 24.07 -15.83 19.90
N ARG H 37 23.76 -15.36 18.67
CA ARG H 37 24.33 -14.11 18.18
C ARG H 37 23.31 -13.30 17.38
N LYS H 38 22.73 -12.28 18.00
CA LYS H 38 21.76 -11.38 17.38
C LYS H 38 22.42 -10.02 17.16
N GLU H 39 22.51 -9.59 15.90
CA GLU H 39 23.04 -8.25 15.68
C GLU H 39 21.91 -7.22 15.65
N SER H 40 22.30 -5.95 15.75
CA SER H 40 21.38 -4.87 16.04
C SER H 40 22.09 -3.53 15.85
N TYR H 41 21.29 -2.47 15.77
CA TYR H 41 21.81 -1.11 15.57
C TYR H 41 22.02 -0.36 16.88
N SER H 42 21.94 -1.05 18.03
CA SER H 42 21.82 -0.35 19.31
C SER H 42 23.03 0.53 19.58
N ILE H 43 24.22 0.01 19.25
CA ILE H 43 25.47 0.72 19.47
C ILE H 43 25.47 2.07 18.75
N TYR H 44 24.94 2.11 17.54
CA TYR H 44 24.98 3.32 16.73
C TYR H 44 23.86 4.29 17.07
N VAL H 45 22.67 3.77 17.41
CA VAL H 45 21.61 4.66 17.90
C VAL H 45 22.05 5.30 19.21
N TYR H 46 22.75 4.55 20.05
CA TYR H 46 23.26 5.13 21.29
C TYR H 46 24.33 6.18 21.02
N LYS H 47 25.23 5.92 20.06
CA LYS H 47 26.24 6.91 19.70
C LYS H 47 25.60 8.20 19.19
N VAL H 48 24.66 8.07 18.24
CA VAL H 48 23.98 9.24 17.70
C VAL H 48 23.21 9.99 18.78
N LEU H 49 22.54 9.25 19.67
CA LEU H 49 21.83 9.89 20.76
C LEU H 49 22.80 10.69 21.61
N LYS H 50 23.91 10.06 21.98
CA LYS H 50 24.90 10.75 22.80
C LYS H 50 25.43 12.00 22.11
N GLN H 51 25.45 12.04 20.78
CA GLN H 51 25.93 13.27 20.16
C GLN H 51 24.83 14.32 19.97
N VAL H 52 23.56 13.94 19.84
CA VAL H 52 22.54 14.98 19.71
C VAL H 52 22.00 15.43 21.08
N HIS H 53 22.01 14.54 22.07
CA HIS H 53 21.60 14.85 23.44
C HIS H 53 22.47 14.03 24.39
N PRO H 54 23.62 14.56 24.79
CA PRO H 54 24.51 13.79 25.67
C PRO H 54 23.91 13.53 27.02
N ASP H 55 22.93 14.35 27.43
CA ASP H 55 22.28 14.23 28.73
C ASP H 55 21.19 13.18 28.78
N THR H 56 20.63 12.79 27.64
CA THR H 56 19.42 11.99 27.59
C THR H 56 19.76 10.52 27.36
N GLY H 57 18.93 9.64 27.94
CA GLY H 57 19.05 8.22 27.76
C GLY H 57 17.88 7.66 26.97
N ILE H 58 17.80 6.34 26.94
CA ILE H 58 16.79 5.69 26.11
C ILE H 58 16.37 4.35 26.72
N SER H 59 15.06 4.17 26.84
CA SER H 59 14.49 2.93 27.32
C SER H 59 14.87 1.79 26.40
N SER H 60 14.98 0.59 26.99
CA SER H 60 15.27 -0.59 26.18
C SER H 60 14.19 -0.81 25.12
N LYS H 61 12.92 -0.53 25.45
CA LYS H 61 11.85 -0.61 24.45
C LYS H 61 11.97 0.49 23.40
N ALA H 62 12.24 1.74 23.82
CA ALA H 62 12.45 2.80 22.85
C ALA H 62 13.63 2.46 21.93
N MET H 63 14.61 1.72 22.46
CA MET H 63 15.69 1.25 21.60
C MET H 63 15.16 0.23 20.61
N GLY H 64 14.23 -0.63 21.05
CA GLY H 64 13.59 -1.55 20.13
C GLY H 64 12.84 -0.85 19.02
N ILE H 65 12.13 0.24 19.36
CA ILE H 65 11.47 1.07 18.36
C ILE H 65 12.47 1.65 17.39
N MET H 66 13.59 2.18 17.89
CA MET H 66 14.58 2.76 16.99
C MET H 66 15.13 1.72 16.04
N ASN H 67 15.51 0.56 16.57
CA ASN H 67 16.04 -0.51 15.73
C ASN H 67 15.05 -0.93 14.66
N SER H 68 13.76 -1.02 15.01
CA SER H 68 12.73 -1.24 14.00
C SER H 68 12.73 -0.15 12.94
N PHE H 69 12.81 1.12 13.36
CA PHE H 69 12.77 2.22 12.40
C PHE H 69 13.93 2.12 11.42
N VAL H 70 15.11 1.78 11.91
CA VAL H 70 16.26 1.68 11.02
C VAL H 70 16.08 0.52 10.06
N ASN H 71 15.66 -0.65 10.56
CA ASN H 71 15.47 -1.79 9.67
C ASN H 71 14.45 -1.47 8.59
N ASP H 72 13.37 -0.79 8.97
CA ASP H 72 12.29 -0.44 8.04
C ASP H 72 12.80 0.48 6.94
N ILE H 73 13.42 1.60 7.32
CA ILE H 73 13.87 2.56 6.31
C ILE H 73 14.94 1.93 5.43
N PHE H 74 15.83 1.14 6.02
CA PHE H 74 16.78 0.37 5.21
C PHE H 74 16.05 -0.44 4.15
N GLU H 75 15.01 -1.19 4.53
CA GLU H 75 14.38 -2.04 3.53
C GLU H 75 13.57 -1.24 2.51
N ARG H 76 13.04 -0.07 2.88
CA ARG H 76 12.38 0.76 1.87
C ARG H 76 13.37 1.29 0.85
N ILE H 77 14.48 1.87 1.33
CA ILE H 77 15.44 2.50 0.43
C ILE H 77 16.12 1.45 -0.44
N ALA H 78 16.58 0.34 0.15
CA ALA H 78 17.21 -0.71 -0.63
C ALA H 78 16.23 -1.36 -1.62
N GLY H 79 14.99 -1.61 -1.19
CA GLY H 79 13.98 -2.12 -2.10
C GLY H 79 13.77 -1.23 -3.31
N GLU H 80 13.64 0.08 -3.07
CA GLU H 80 13.43 1.04 -4.15
C GLU H 80 14.66 1.11 -5.05
N ALA H 81 15.85 1.06 -4.45
CA ALA H 81 17.08 1.08 -5.23
C ALA H 81 17.18 -0.15 -6.13
N SER H 82 16.73 -1.30 -5.63
CA SER H 82 16.75 -2.51 -6.42
C SER H 82 15.79 -2.38 -7.60
N ARG H 83 14.57 -1.89 -7.35
CA ARG H 83 13.66 -1.69 -8.46
C ARG H 83 14.22 -0.69 -9.47
N LEU H 84 14.93 0.34 -9.00
CA LEU H 84 15.51 1.32 -9.91
C LEU H 84 16.54 0.68 -10.82
N ALA H 85 17.47 -0.08 -10.23
CA ALA H 85 18.52 -0.71 -11.04
C ALA H 85 17.92 -1.69 -12.03
N HIS H 86 16.88 -2.44 -11.61
CA HIS H 86 16.26 -3.43 -12.48
C HIS H 86 15.52 -2.78 -13.64
N TYR H 87 14.67 -1.76 -13.37
CA TYR H 87 13.97 -1.07 -14.46
C TYR H 87 14.93 -0.62 -15.54
N ASN H 88 16.12 -0.14 -15.16
CA ASN H 88 17.11 0.32 -16.12
C ASN H 88 18.14 -0.74 -16.49
N LYS H 89 17.83 -2.02 -16.33
CA LYS H 89 18.69 -3.10 -16.81
C LYS H 89 20.11 -2.99 -16.23
N ARG H 90 20.21 -2.53 -14.99
CA ARG H 90 21.48 -2.41 -14.28
C ARG H 90 21.58 -3.48 -13.20
N SER H 91 22.80 -3.98 -13.01
CA SER H 91 23.04 -5.02 -12.02
C SER H 91 23.72 -4.49 -10.76
N THR H 92 24.14 -3.24 -10.73
CA THR H 92 24.79 -2.66 -9.57
C THR H 92 23.88 -1.64 -8.90
N ILE H 93 23.81 -1.69 -7.58
CA ILE H 93 23.21 -0.62 -6.81
C ILE H 93 24.32 0.32 -6.38
N THR H 94 24.33 1.53 -6.94
CA THR H 94 25.33 2.54 -6.61
C THR H 94 24.69 3.61 -5.75
N SER H 95 25.53 4.51 -5.21
CA SER H 95 25.00 5.63 -4.43
C SER H 95 24.01 6.47 -5.23
N ARG H 96 24.06 6.41 -6.56
CA ARG H 96 23.09 7.13 -7.37
C ARG H 96 21.70 6.52 -7.21
N GLU H 97 21.60 5.18 -7.26
CA GLU H 97 20.34 4.51 -6.97
C GLU H 97 19.87 4.78 -5.54
N ILE H 98 20.82 4.90 -4.59
CA ILE H 98 20.44 5.26 -3.23
C ILE H 98 19.84 6.66 -3.20
N GLN H 99 20.45 7.59 -3.95
CA GLN H 99 19.97 8.97 -3.94
C GLN H 99 18.58 9.07 -4.53
N THR H 100 18.36 8.44 -5.68
CA THR H 100 17.03 8.53 -6.27
C THR H 100 16.00 7.87 -5.36
N ALA H 101 16.36 6.75 -4.72
CA ALA H 101 15.44 6.10 -3.80
C ALA H 101 15.07 7.04 -2.66
N VAL H 102 16.07 7.71 -2.08
CA VAL H 102 15.80 8.65 -0.99
C VAL H 102 14.86 9.76 -1.49
N ARG H 103 15.06 10.23 -2.72
CA ARG H 103 14.20 11.27 -3.28
C ARG H 103 12.77 10.78 -3.44
N LEU H 104 12.60 9.51 -3.83
CA LEU H 104 11.25 8.99 -4.04
C LEU H 104 10.53 8.72 -2.73
N LEU H 105 11.27 8.43 -1.65
CA LEU H 105 10.69 7.93 -0.41
C LEU H 105 10.57 8.97 0.67
N LEU H 106 11.45 9.90 0.71
CA LEU H 106 11.26 10.76 1.88
C LEU H 106 10.40 11.97 1.51
N PRO H 107 9.56 12.44 2.42
CA PRO H 107 8.86 13.70 2.18
C PRO H 107 9.88 14.80 2.03
N GLY H 108 9.57 15.78 1.18
CA GLY H 108 10.50 16.83 0.81
C GLY H 108 11.07 17.47 2.05
N GLU H 109 12.28 18.04 1.99
CA GLU H 109 12.99 18.63 3.13
C GLU H 109 13.76 17.57 3.88
N LEU H 110 13.05 16.61 4.48
CA LEU H 110 13.69 15.40 4.97
C LEU H 110 14.53 14.77 3.87
N ALA H 111 14.01 14.77 2.65
CA ALA H 111 14.77 14.27 1.52
C ALA H 111 15.96 15.16 1.21
N LYS H 112 15.78 16.47 1.27
CA LYS H 112 16.87 17.41 1.01
C LYS H 112 18.04 17.16 1.94
N HIS H 113 17.79 17.13 3.25
CA HIS H 113 18.87 16.91 4.21
C HIS H 113 19.45 15.52 4.10
N ALA H 114 18.63 14.50 3.81
CA ALA H 114 19.18 13.17 3.59
C ALA H 114 20.14 13.17 2.40
N VAL H 115 19.72 13.78 1.29
CA VAL H 115 20.57 13.85 0.10
C VAL H 115 21.86 14.59 0.42
N SER H 116 21.76 15.67 1.19
CA SER H 116 22.95 16.40 1.59
C SER H 116 23.89 15.54 2.42
N GLU H 117 23.35 14.82 3.41
CA GLU H 117 24.21 14.05 4.31
C GLU H 117 24.84 12.86 3.59
N GLY H 118 24.10 12.23 2.67
CA GLY H 118 24.66 11.11 1.93
C GLY H 118 25.73 11.55 0.96
N THR H 119 25.45 12.59 0.19
CA THR H 119 26.45 13.15 -0.73
C THR H 119 27.70 13.59 0.03
N LYS H 120 27.49 14.32 1.13
CA LYS H 120 28.60 14.75 1.99
C LYS H 120 29.42 13.56 2.49
N ALA H 121 28.74 12.52 2.99
CA ALA H 121 29.47 11.36 3.51
C ALA H 121 30.26 10.67 2.40
N VAL H 122 29.71 10.60 1.19
CA VAL H 122 30.43 9.91 0.13
C VAL H 122 31.67 10.69 -0.27
N THR H 123 31.51 11.99 -0.57
CA THR H 123 32.68 12.76 -0.98
C THR H 123 33.73 12.76 0.12
N LYS H 124 33.32 12.80 1.39
CA LYS H 124 34.30 12.67 2.46
C LYS H 124 34.99 11.32 2.43
N TYR H 125 34.23 10.25 2.19
CA TYR H 125 34.80 8.91 2.20
C TYR H 125 35.81 8.71 1.08
N THR H 126 35.53 9.29 -0.09
CA THR H 126 36.36 9.06 -1.26
C THR H 126 37.67 9.84 -1.21
N SER H 127 37.84 10.76 -0.25
CA SER H 127 39.08 11.52 -0.09
C SER H 127 39.50 11.42 1.36
N ALA H 128 40.64 10.77 1.61
CA ALA H 128 41.08 10.36 2.94
C ALA H 128 40.07 9.40 3.55
#